data_5W2A
#
_entry.id   5W2A
#
_cell.length_a   63.891
_cell.length_b   129.014
_cell.length_c   167.346
_cell.angle_alpha   90.00
_cell.angle_beta   90.00
_cell.angle_gamma   90.00
#
_symmetry.space_group_name_H-M   'P 21 21 21'
#
loop_
_entity.id
_entity.type
_entity.pdbx_description
1 polymer 'DNA polymerase kappa'
2 polymer "DNA (5'-D(P*GP*CP*GP*GP*AP*TP*CP*AP*G)-3')"
3 polymer "DNA (5'-D(*AP*TP*GP*(LDG)P*CP*TP*GP*AP*TP*CP*CP*GP*C)-3')"
4 non-polymer 'MAGNESIUM ION'
5 non-polymer GLYCEROL
6 non-polymer "2'-deoxy-5'-O-[(R)-hydroxy{[(R)-hydroxy(phosphonooxy)phosphoryl]amino}phosphoryl]cytidine"
7 non-polymer 'TRIETHYLENE GLYCOL'
8 water water
#
loop_
_entity_poly.entity_id
_entity_poly.type
_entity_poly.pdbx_seq_one_letter_code
_entity_poly.pdbx_strand_id
1 'polypeptide(L)'
;MSYYHHHHHHDYDIPTTENLYFQGAMDSTKEKCDSYKDDLLLRMGLNDNKAGMEGLDKEKINKIIMEATKGSRFYGNELK
KEKQVNQRIENMMQQKAQITSQQLRKAQLQVDRFAMELEQSRNLSNTIVHIDMDAFYAAVEMRDNPELKDKPIAVGSMSM
LSTSNYHARRFGVRAAMPGFIAKRLCPQLIIVPPNFDKYRAVSKEVKEILADYDPNFMAMSLDEAYLNITKHLEERQNWP
EDKRRYFIKMGSSVENDNPGKEVNKLSEHERSISPLLFEESPSDVQPPGDPFQVNFEEQNNPQILQNSVVFGTSAQEVVK
EIRFRIEQKTTLTASAGIAPNTMLAKVCSDKNKPNGQYQILPNRQAVMDFIKDLPIRKVSGIGKVTEKMLKALGIITCTE
LYQQRALLSLLFSETSWHYFLHISLGLGSTHLTRDGERKSMSVERTFSEINKAEEQYSLCQELCSELAQDLQKERLKGRT
VTIKLKNVNFEVKTRASTVSSVVSTAEEIFAIAKELLKTEIDADFPHPLRLRLMGVRISSFPNEEDRKHQQ
;
A,B
2 'polydeoxyribonucleotide' (DG)(DC)(DG)(DG)(DA)(DT)(DC)(DA)(DG) C,P
3 'polydeoxyribonucleotide' (DA)(DT)(DG)(LDG)(DC)(DT)(DG)(DA)(DT)(DC)(DC)(DG)(DC) D,T
#
loop_
_chem_comp.id
_chem_comp.type
_chem_comp.name
_chem_comp.formula
0KX non-polymer 2'-deoxy-5'-O-[(R)-hydroxy{[(R)-hydroxy(phosphonooxy)phosphoryl]amino}phosphoryl]cytidine 'C9 H17 N4 O12 P3'
DA DNA linking 2'-DEOXYADENOSINE-5'-MONOPHOSPHATE 'C10 H14 N5 O6 P'
DC DNA linking 2'-DEOXYCYTIDINE-5'-MONOPHOSPHATE 'C9 H14 N3 O7 P'
DG DNA linking 2'-DEOXYGUANOSINE-5'-MONOPHOSPHATE 'C10 H14 N5 O7 P'
DT DNA linking THYMIDINE-5'-MONOPHOSPHATE 'C10 H15 N2 O8 P'
GOL non-polymer GLYCEROL 'C3 H8 O3'
LDG non-polymer '2'-deoxy-N-[(1,3-dimethoxy-9,10-dioxo-9,10-dihydroanthracen-2-yl)methyl]guanosine 5'-(dihydrogen phosphate)' 'C27 H26 N5 O11 P'
MG non-polymer 'MAGNESIUM ION' 'Mg 2'
PGE non-polymer 'TRIETHYLENE GLYCOL' 'C6 H14 O4'
#
# COMPACT_ATOMS: atom_id res chain seq x y z
N LEU A 56 -11.46 -30.61 0.79
CA LEU A 56 -11.40 -31.04 2.24
C LEU A 56 -12.79 -31.04 2.90
N ASP A 57 -13.00 -31.97 3.83
CA ASP A 57 -14.31 -32.18 4.47
C ASP A 57 -14.64 -31.07 5.46
N LYS A 58 -15.92 -30.68 5.55
CA LYS A 58 -16.39 -29.59 6.42
C LYS A 58 -15.98 -29.73 7.89
N GLU A 59 -15.95 -30.97 8.37
CA GLU A 59 -15.39 -31.30 9.69
C GLU A 59 -13.86 -31.08 9.72
N LYS A 60 -13.17 -31.55 8.68
CA LYS A 60 -11.71 -31.41 8.54
C LYS A 60 -11.20 -29.95 8.51
N ILE A 61 -12.02 -29.02 8.01
CA ILE A 61 -11.66 -27.58 7.88
C ILE A 61 -11.71 -26.86 9.24
N ASN A 62 -12.90 -26.79 9.85
CA ASN A 62 -13.11 -26.15 11.17
C ASN A 62 -12.14 -26.66 12.26
N LYS A 63 -11.63 -27.88 12.09
CA LYS A 63 -10.57 -28.46 12.94
C LYS A 63 -9.20 -27.81 12.74
N ILE A 64 -8.75 -27.69 11.49
CA ILE A 64 -7.40 -27.18 11.19
C ILE A 64 -7.25 -25.75 11.66
N ILE A 65 -8.31 -24.97 11.46
CA ILE A 65 -8.35 -23.57 11.92
C ILE A 65 -8.22 -23.60 13.44
N MET A 66 -9.09 -24.35 14.13
CA MET A 66 -9.06 -24.48 15.59
C MET A 66 -7.65 -24.85 16.09
N GLU A 67 -6.94 -25.70 15.32
CA GLU A 67 -5.55 -26.08 15.63
C GLU A 67 -4.59 -24.88 15.57
N ALA A 68 -4.65 -24.15 14.46
CA ALA A 68 -3.77 -22.99 14.25
C ALA A 68 -4.22 -21.75 15.02
N THR A 69 -5.52 -21.61 15.21
CA THR A 69 -6.12 -20.43 15.81
C THR A 69 -6.04 -20.47 17.34
N LYS A 70 -6.34 -21.62 17.96
CA LYS A 70 -6.45 -21.73 19.43
C LYS A 70 -5.25 -21.11 20.16
N GLY A 71 -5.51 -20.43 21.28
CA GLY A 71 -4.48 -19.77 22.07
C GLY A 71 -4.12 -18.34 21.68
N SER A 72 -4.48 -17.90 20.47
CA SER A 72 -4.09 -16.59 19.96
C SER A 72 -4.69 -15.44 20.77
N ARG A 73 -4.11 -14.25 20.66
CA ARG A 73 -4.66 -13.08 21.31
C ARG A 73 -6.01 -12.83 20.63
N PHE A 74 -6.00 -12.84 19.30
CA PHE A 74 -7.22 -12.65 18.49
C PHE A 74 -8.34 -13.57 18.92
N TYR A 75 -8.00 -14.86 19.04
CA TYR A 75 -8.94 -15.91 19.45
C TYR A 75 -9.61 -15.61 20.78
N GLY A 76 -8.80 -15.22 21.76
CA GLY A 76 -9.29 -14.82 23.07
C GLY A 76 -10.38 -13.78 22.98
N ASN A 77 -10.18 -12.79 22.11
CA ASN A 77 -11.18 -11.75 21.88
C ASN A 77 -12.44 -12.29 21.24
N GLU A 78 -12.30 -13.24 20.32
CA GLU A 78 -13.46 -13.87 19.68
C GLU A 78 -14.36 -14.61 20.68
N LEU A 79 -13.75 -15.23 21.69
CA LEU A 79 -14.50 -15.86 22.77
C LEU A 79 -15.21 -14.82 23.60
N LYS A 80 -14.47 -13.79 24.02
CA LYS A 80 -15.02 -12.64 24.77
C LYS A 80 -16.21 -12.00 24.05
N LYS A 81 -16.18 -12.00 22.72
CA LYS A 81 -17.33 -11.54 21.91
C LYS A 81 -18.47 -12.52 21.86
N GLU A 82 -18.15 -13.80 21.65
CA GLU A 82 -19.15 -14.86 21.62
C GLU A 82 -19.90 -14.97 22.97
N LYS A 83 -19.21 -14.71 24.08
CA LYS A 83 -19.85 -14.61 25.40
C LYS A 83 -20.80 -13.40 25.47
N GLN A 84 -20.32 -12.22 25.04
CA GLN A 84 -21.15 -11.01 24.94
C GLN A 84 -22.38 -11.23 24.03
N VAL A 85 -22.25 -12.10 23.02
CA VAL A 85 -23.38 -12.50 22.17
C VAL A 85 -24.34 -13.37 22.95
N ASN A 86 -23.85 -14.52 23.39
CA ASN A 86 -24.67 -15.49 24.13
C ASN A 86 -25.43 -14.90 25.30
N GLN A 87 -24.84 -13.92 25.97
CA GLN A 87 -25.51 -13.19 27.03
C GLN A 87 -26.72 -12.42 26.48
N ARG A 88 -26.52 -11.77 25.34
CA ARG A 88 -27.58 -11.01 24.65
C ARG A 88 -28.69 -11.93 24.10
N ILE A 89 -28.36 -13.20 23.85
CA ILE A 89 -29.34 -14.24 23.49
C ILE A 89 -30.18 -14.57 24.72
N GLU A 90 -29.49 -14.98 25.79
CA GLU A 90 -30.12 -15.44 27.04
C GLU A 90 -31.07 -14.39 27.63
N ASN A 91 -30.71 -13.12 27.50
CA ASN A 91 -31.57 -11.99 27.91
C ASN A 91 -32.86 -11.91 27.11
N MET A 92 -32.75 -12.09 25.79
CA MET A 92 -33.91 -12.14 24.91
C MET A 92 -34.82 -13.28 25.29
N MET A 93 -34.24 -14.42 25.64
CA MET A 93 -35.03 -15.58 26.09
C MET A 93 -35.74 -15.29 27.42
N GLN A 94 -35.01 -14.73 28.40
CA GLN A 94 -35.62 -14.32 29.67
C GLN A 94 -36.70 -13.26 29.47
N GLN A 95 -36.61 -12.48 28.38
CA GLN A 95 -37.68 -11.57 27.98
C GLN A 95 -38.85 -12.25 27.25
N LYS A 96 -38.56 -13.29 26.47
CA LYS A 96 -39.60 -14.08 25.80
C LYS A 96 -40.51 -14.72 26.85
N ALA A 97 -39.89 -15.42 27.79
CA ALA A 97 -40.59 -16.11 28.89
C ALA A 97 -41.66 -15.26 29.57
N GLN A 98 -41.38 -13.96 29.75
CA GLN A 98 -42.33 -13.03 30.38
C GLN A 98 -43.29 -12.34 29.39
N ILE A 99 -43.64 -13.01 28.28
CA ILE A 99 -44.67 -12.53 27.35
C ILE A 99 -45.93 -13.38 27.51
N THR A 100 -47.08 -12.73 27.72
CA THR A 100 -48.37 -13.42 27.85
C THR A 100 -49.00 -13.73 26.49
N SER A 101 -49.94 -14.66 26.48
CA SER A 101 -50.72 -14.95 25.28
C SER A 101 -51.55 -13.75 24.85
N GLN A 102 -51.97 -12.94 25.81
CA GLN A 102 -52.71 -11.70 25.54
C GLN A 102 -51.90 -10.65 24.77
N GLN A 103 -50.65 -10.44 25.17
CA GLN A 103 -49.76 -9.50 24.48
C GLN A 103 -49.47 -9.96 23.06
N LEU A 104 -49.12 -11.24 22.95
CA LEU A 104 -48.90 -11.93 21.67
C LEU A 104 -50.09 -11.80 20.71
N ARG A 105 -51.32 -11.90 21.24
CA ARG A 105 -52.54 -11.64 20.47
C ARG A 105 -52.68 -10.17 20.04
N LYS A 106 -52.49 -9.25 20.99
CA LYS A 106 -52.56 -7.79 20.74
C LYS A 106 -51.57 -7.38 19.65
N ALA A 107 -50.39 -7.99 19.69
CA ALA A 107 -49.35 -7.81 18.68
C ALA A 107 -49.76 -8.36 17.32
N GLN A 108 -50.16 -9.63 17.30
CA GLN A 108 -50.59 -10.33 16.07
C GLN A 108 -51.52 -9.51 15.18
N LEU A 109 -52.47 -8.82 15.80
CA LEU A 109 -53.41 -7.94 15.06
C LEU A 109 -52.73 -6.65 14.59
N GLN A 110 -51.86 -6.09 15.42
CA GLN A 110 -51.06 -4.90 15.07
C GLN A 110 -50.15 -5.19 13.86
N VAL A 111 -49.39 -6.29 13.92
CA VAL A 111 -48.53 -6.73 12.80
C VAL A 111 -49.38 -7.00 11.55
N ASP A 112 -50.42 -7.83 11.69
CA ASP A 112 -51.27 -8.21 10.55
C ASP A 112 -52.02 -7.05 9.93
N ARG A 113 -52.27 -5.98 10.68
CA ARG A 113 -52.81 -4.77 10.08
C ARG A 113 -51.76 -4.08 9.21
N PHE A 114 -50.51 -4.11 9.68
CA PHE A 114 -49.36 -3.56 8.92
C PHE A 114 -49.05 -4.41 7.68
N ALA A 115 -48.94 -5.73 7.88
CA ALA A 115 -48.70 -6.69 6.80
C ALA A 115 -49.71 -6.55 5.66
N MET A 116 -50.98 -6.35 6.02
CA MET A 116 -52.03 -6.14 5.01
C MET A 116 -51.83 -4.82 4.28
N GLU A 117 -51.26 -3.80 4.94
CA GLU A 117 -50.84 -2.56 4.26
C GLU A 117 -49.69 -2.81 3.28
N LEU A 118 -48.68 -3.58 3.70
CA LEU A 118 -47.51 -3.88 2.86
C LEU A 118 -47.87 -4.72 1.63
N GLU A 119 -48.60 -5.81 1.88
CA GLU A 119 -49.07 -6.71 0.82
C GLU A 119 -49.92 -5.99 -0.21
N GLN A 120 -50.72 -5.04 0.24
CA GLN A 120 -51.54 -4.20 -0.64
C GLN A 120 -50.67 -3.25 -1.47
N SER A 121 -49.57 -2.76 -0.89
CA SER A 121 -48.61 -1.90 -1.62
C SER A 121 -47.59 -2.65 -2.50
N ARG A 122 -47.56 -3.99 -2.47
CA ARG A 122 -46.63 -4.80 -3.26
C ARG A 122 -46.60 -4.37 -4.73
N ASN A 123 -45.43 -4.45 -5.35
CA ASN A 123 -45.23 -3.97 -6.72
C ASN A 123 -44.36 -4.89 -7.60
N LEU A 124 -45.00 -5.56 -8.54
CA LEU A 124 -44.31 -6.52 -9.41
C LEU A 124 -44.02 -5.97 -10.80
N SER A 125 -44.26 -4.69 -11.02
CA SER A 125 -44.17 -4.11 -12.36
C SER A 125 -42.76 -3.71 -12.78
N ASN A 126 -41.81 -3.72 -11.86
CA ASN A 126 -40.43 -3.37 -12.20
C ASN A 126 -39.54 -4.61 -12.33
N THR A 127 -38.56 -4.50 -13.24
CA THR A 127 -37.57 -5.55 -13.47
C THR A 127 -36.19 -5.10 -12.94
N ILE A 128 -35.68 -5.85 -11.96
CA ILE A 128 -34.45 -5.51 -11.26
C ILE A 128 -33.39 -6.57 -11.49
N VAL A 129 -32.20 -6.11 -11.87
CA VAL A 129 -31.08 -6.97 -12.16
C VAL A 129 -29.98 -6.64 -11.18
N HIS A 130 -29.36 -7.67 -10.62
CA HIS A 130 -28.16 -7.52 -9.80
C HIS A 130 -27.03 -8.26 -10.48
N ILE A 131 -25.95 -7.55 -10.79
CA ILE A 131 -24.73 -8.13 -11.37
C ILE A 131 -23.65 -8.22 -10.27
N ASP A 132 -22.99 -9.38 -10.18
CA ASP A 132 -21.89 -9.59 -9.23
C ASP A 132 -20.81 -10.35 -10.01
N MET A 133 -19.62 -9.78 -10.11
CA MET A 133 -18.49 -10.44 -10.78
C MET A 133 -18.03 -11.65 -9.98
N ASP A 134 -17.56 -12.65 -10.70
CA ASP A 134 -17.21 -13.94 -10.12
C ASP A 134 -15.77 -13.88 -9.74
N ALA A 135 -15.45 -14.30 -8.51
CA ALA A 135 -14.07 -14.29 -7.95
C ALA A 135 -13.20 -13.08 -8.37
N PHE A 136 -13.83 -11.92 -8.36
CA PHE A 136 -13.36 -10.72 -9.07
C PHE A 136 -11.86 -10.50 -9.06
N TYR A 137 -11.29 -10.25 -7.89
CA TYR A 137 -9.85 -9.95 -7.85
C TYR A 137 -9.04 -11.14 -8.32
N ALA A 138 -9.43 -12.35 -7.92
CA ALA A 138 -8.74 -13.57 -8.34
C ALA A 138 -8.83 -13.75 -9.85
N ALA A 139 -10.04 -13.62 -10.38
CA ALA A 139 -10.26 -13.79 -11.81
C ALA A 139 -9.41 -12.85 -12.65
N VAL A 140 -9.24 -11.61 -12.19
CA VAL A 140 -8.39 -10.64 -12.89
C VAL A 140 -6.95 -11.15 -12.89
N GLU A 141 -6.49 -11.59 -11.74
CA GLU A 141 -5.12 -12.08 -11.64
C GLU A 141 -4.92 -13.35 -12.43
N MET A 142 -5.97 -14.18 -12.51
CA MET A 142 -5.91 -15.39 -13.33
C MET A 142 -5.87 -15.03 -14.80
N ARG A 143 -6.72 -14.07 -15.19
CA ARG A 143 -6.78 -13.53 -16.55
C ARG A 143 -5.42 -13.13 -17.07
N ASP A 144 -4.68 -12.36 -16.28
CA ASP A 144 -3.43 -11.81 -16.75
C ASP A 144 -2.20 -12.62 -16.31
N ASN A 145 -2.42 -13.90 -16.01
CA ASN A 145 -1.34 -14.85 -15.72
C ASN A 145 -1.88 -16.26 -15.95
N PRO A 146 -1.78 -16.78 -17.18
CA PRO A 146 -2.27 -18.13 -17.51
C PRO A 146 -1.76 -19.23 -16.58
N GLU A 147 -0.50 -19.13 -16.16
CA GLU A 147 0.11 -20.08 -15.21
C GLU A 147 -0.74 -20.36 -13.95
N LEU A 148 -1.58 -19.41 -13.55
CA LEU A 148 -2.48 -19.55 -12.39
C LEU A 148 -3.84 -20.23 -12.69
N LYS A 149 -4.16 -20.48 -13.98
CA LYS A 149 -5.53 -20.88 -14.41
C LYS A 149 -6.07 -22.16 -13.75
N ASP A 150 -5.43 -23.28 -14.04
CA ASP A 150 -5.73 -24.55 -13.38
C ASP A 150 -4.87 -24.65 -12.11
N LYS A 151 -5.28 -23.97 -11.03
CA LYS A 151 -4.51 -23.91 -9.77
C LYS A 151 -5.27 -23.08 -8.69
N PRO A 152 -5.04 -23.35 -7.39
CA PRO A 152 -5.69 -22.54 -6.34
C PRO A 152 -4.93 -21.26 -5.99
N ILE A 153 -5.63 -20.14 -5.96
CA ILE A 153 -5.03 -18.85 -5.60
C ILE A 153 -5.92 -18.04 -4.65
N ALA A 154 -5.31 -17.01 -4.10
CA ALA A 154 -6.01 -16.05 -3.28
C ALA A 154 -5.37 -14.67 -3.49
N VAL A 155 -6.20 -13.64 -3.54
CA VAL A 155 -5.70 -12.28 -3.63
C VAL A 155 -5.57 -11.72 -2.23
N GLY A 156 -4.39 -11.21 -1.90
CA GLY A 156 -4.16 -10.61 -0.60
C GLY A 156 -2.73 -10.73 -0.15
N SER A 157 -2.56 -10.72 1.17
CA SER A 157 -1.24 -10.84 1.79
C SER A 157 -1.26 -12.04 2.70
N MET A 158 -0.14 -12.28 3.37
CA MET A 158 -0.11 -13.27 4.41
C MET A 158 -0.97 -12.82 5.60
N SER A 159 -1.06 -11.51 5.82
CA SER A 159 -1.91 -10.96 6.89
C SER A 159 -3.41 -11.12 6.64
N MET A 160 -3.87 -11.03 5.39
CA MET A 160 -5.31 -11.05 5.11
C MET A 160 -5.56 -11.27 3.62
N LEU A 161 -6.72 -11.87 3.31
CA LEU A 161 -7.10 -12.20 1.93
C LEU A 161 -8.39 -11.48 1.57
N SER A 162 -8.40 -10.85 0.40
CA SER A 162 -9.60 -10.20 -0.11
C SER A 162 -10.58 -11.28 -0.64
N THR A 163 -10.09 -12.19 -1.48
CA THR A 163 -10.92 -13.25 -2.06
C THR A 163 -10.08 -14.49 -2.35
N SER A 164 -10.69 -15.45 -3.06
CA SER A 164 -10.02 -16.67 -3.50
C SER A 164 -10.81 -17.30 -4.63
N ASN A 165 -10.12 -17.87 -5.61
CA ASN A 165 -10.81 -18.54 -6.74
C ASN A 165 -11.44 -19.83 -6.28
N TYR A 166 -12.37 -20.34 -7.09
CA TYR A 166 -13.19 -21.48 -6.66
C TYR A 166 -12.41 -22.76 -6.40
N HIS A 167 -11.22 -22.86 -7.01
CA HIS A 167 -10.30 -23.99 -6.80
C HIS A 167 -9.86 -23.94 -5.33
N ALA A 168 -9.50 -22.75 -4.86
CA ALA A 168 -9.07 -22.55 -3.48
C ALA A 168 -10.20 -22.55 -2.48
N ARG A 169 -11.42 -22.34 -2.87
CA ARG A 169 -12.44 -22.41 -1.85
C ARG A 169 -12.61 -23.88 -1.55
N ARG A 170 -12.69 -24.72 -2.55
CA ARG A 170 -12.83 -26.15 -2.23
C ARG A 170 -11.96 -26.62 -1.06
N PHE A 171 -10.88 -25.89 -0.72
CA PHE A 171 -10.09 -26.13 0.51
C PHE A 171 -10.49 -25.31 1.75
N GLY A 172 -11.52 -24.47 1.61
CA GLY A 172 -12.07 -23.68 2.71
C GLY A 172 -11.50 -22.28 2.86
N VAL A 173 -10.67 -21.82 1.91
CA VAL A 173 -10.06 -20.49 2.02
C VAL A 173 -11.06 -19.52 1.41
N ARG A 174 -11.32 -18.41 2.10
CA ARG A 174 -12.27 -17.42 1.60
C ARG A 174 -11.94 -16.00 2.06
N ALA A 175 -12.76 -15.06 1.60
CA ALA A 175 -12.59 -13.63 1.94
C ALA A 175 -12.57 -13.36 3.45
N ALA A 176 -11.82 -12.34 3.82
CA ALA A 176 -11.61 -11.94 5.21
C ALA A 176 -10.98 -13.03 6.10
N MET A 177 -10.30 -14.01 5.48
CA MET A 177 -9.47 -14.97 6.20
C MET A 177 -8.02 -14.54 6.07
N PRO A 178 -7.27 -14.56 7.19
CA PRO A 178 -5.83 -14.27 7.07
C PRO A 178 -5.09 -15.29 6.19
N GLY A 179 -4.05 -14.82 5.48
CA GLY A 179 -3.30 -15.67 4.56
C GLY A 179 -2.65 -16.88 5.21
N PHE A 180 -1.95 -16.66 6.33
CA PHE A 180 -1.26 -17.74 7.04
C PHE A 180 -2.15 -18.95 7.41
N ILE A 181 -3.45 -18.71 7.59
CA ILE A 181 -4.40 -19.74 7.96
C ILE A 181 -4.78 -20.45 6.69
N ALA A 182 -4.97 -19.69 5.61
CA ALA A 182 -5.27 -20.28 4.31
C ALA A 182 -4.14 -21.18 3.80
N LYS A 183 -2.89 -20.86 4.15
CA LYS A 183 -1.75 -21.72 3.80
C LYS A 183 -1.72 -23.06 4.58
N ARG A 184 -2.43 -23.08 5.70
CA ARG A 184 -2.60 -24.28 6.50
C ARG A 184 -3.66 -25.10 5.77
N LEU A 185 -4.76 -24.44 5.39
CA LEU A 185 -5.83 -25.12 4.64
C LEU A 185 -5.40 -25.56 3.25
N CYS A 186 -4.28 -25.03 2.76
CA CYS A 186 -3.77 -25.38 1.45
C CYS A 186 -2.38 -24.80 1.28
N PRO A 187 -1.34 -25.59 1.56
CA PRO A 187 0.04 -25.08 1.34
C PRO A 187 0.36 -24.84 -0.13
N GLN A 188 -0.29 -25.60 -1.00
CA GLN A 188 -0.19 -25.39 -2.44
C GLN A 188 -0.82 -24.05 -2.93
N LEU A 189 -1.25 -23.17 -2.00
CA LEU A 189 -1.92 -21.89 -2.34
C LEU A 189 -0.95 -20.78 -2.73
N ILE A 190 -1.24 -20.17 -3.88
CA ILE A 190 -0.50 -19.02 -4.35
C ILE A 190 -1.27 -17.79 -3.91
N ILE A 191 -0.63 -16.95 -3.10
CA ILE A 191 -1.19 -15.65 -2.72
C ILE A 191 -0.60 -14.58 -3.64
N VAL A 192 -1.45 -13.87 -4.40
CA VAL A 192 -0.98 -12.72 -5.24
C VAL A 192 -1.41 -11.37 -4.66
N PRO A 193 -0.44 -10.45 -4.44
CA PRO A 193 -0.77 -9.13 -3.92
C PRO A 193 -1.83 -8.40 -4.75
N PRO A 194 -2.72 -7.62 -4.11
CA PRO A 194 -3.79 -6.96 -4.84
C PRO A 194 -3.31 -5.77 -5.66
N ASN A 195 -3.82 -5.69 -6.89
CA ASN A 195 -3.57 -4.56 -7.81
C ASN A 195 -4.86 -3.76 -7.98
N PHE A 196 -5.20 -3.01 -6.93
CA PHE A 196 -6.47 -2.29 -6.86
C PHE A 196 -6.77 -1.40 -8.06
N ASP A 197 -5.72 -0.85 -8.67
CA ASP A 197 -5.87 0.05 -9.81
C ASP A 197 -6.41 -0.68 -11.02
N LYS A 198 -5.92 -1.90 -11.25
CA LYS A 198 -6.48 -2.76 -12.29
C LYS A 198 -7.95 -3.05 -12.05
N TYR A 199 -8.28 -3.36 -10.80
CA TYR A 199 -9.63 -3.74 -10.43
C TYR A 199 -10.58 -2.57 -10.61
N ARG A 200 -10.12 -1.37 -10.27
CA ARG A 200 -10.89 -0.15 -10.52
C ARG A 200 -11.10 0.03 -12.02
N ALA A 201 -10.07 -0.22 -12.81
CA ALA A 201 -10.15 -0.06 -14.28
C ALA A 201 -11.10 -1.06 -14.93
N VAL A 202 -11.08 -2.30 -14.43
CA VAL A 202 -12.01 -3.34 -14.92
C VAL A 202 -13.42 -2.88 -14.58
N SER A 203 -13.63 -2.49 -13.33
CA SER A 203 -14.94 -1.98 -12.92
C SER A 203 -15.43 -0.88 -13.86
N LYS A 204 -14.55 0.03 -14.27
CA LYS A 204 -14.91 1.11 -15.20
C LYS A 204 -15.37 0.54 -16.54
N GLU A 205 -14.71 -0.54 -17.00
CA GLU A 205 -15.13 -1.22 -18.24
C GLU A 205 -16.52 -1.84 -18.17
N VAL A 206 -16.93 -2.36 -17.01
CA VAL A 206 -18.25 -3.02 -16.89
C VAL A 206 -19.32 -1.98 -16.67
N LYS A 207 -19.03 -0.97 -15.86
CA LYS A 207 -20.00 0.10 -15.64
C LYS A 207 -20.36 0.84 -16.95
N GLU A 208 -19.47 0.80 -17.94
CA GLU A 208 -19.77 1.33 -19.28
C GLU A 208 -20.88 0.55 -20.00
N ILE A 209 -20.77 -0.78 -19.95
CA ILE A 209 -21.80 -1.68 -20.46
C ILE A 209 -23.12 -1.40 -19.76
N LEU A 210 -23.10 -1.48 -18.42
CA LEU A 210 -24.31 -1.38 -17.60
C LEU A 210 -25.07 -0.07 -17.79
N ALA A 211 -24.35 0.99 -18.13
CA ALA A 211 -24.95 2.28 -18.46
C ALA A 211 -25.96 2.23 -19.62
N ASP A 212 -25.74 1.35 -20.60
CA ASP A 212 -26.67 1.16 -21.73
C ASP A 212 -28.06 0.75 -21.31
N TYR A 213 -28.14 -0.10 -20.30
CA TYR A 213 -29.40 -0.74 -19.93
C TYR A 213 -30.13 0.03 -18.83
N ASP A 214 -29.37 0.57 -17.88
CA ASP A 214 -29.87 1.57 -16.94
C ASP A 214 -28.79 2.63 -16.78
N PRO A 215 -29.02 3.85 -17.29
CA PRO A 215 -28.07 4.92 -17.00
C PRO A 215 -28.13 5.35 -15.54
N ASN A 216 -29.30 5.26 -14.90
CA ASN A 216 -29.41 5.50 -13.45
C ASN A 216 -29.20 4.25 -12.60
N PHE A 217 -28.38 3.32 -13.09
CA PHE A 217 -27.93 2.18 -12.30
C PHE A 217 -27.11 2.65 -11.13
N MET A 218 -27.07 1.85 -10.07
CA MET A 218 -26.25 2.14 -8.89
C MET A 218 -25.28 0.98 -8.69
N ALA A 219 -24.03 1.31 -8.37
CA ALA A 219 -22.99 0.33 -8.11
C ALA A 219 -22.70 0.21 -6.61
N MET A 220 -22.74 -1.01 -6.08
CA MET A 220 -22.50 -1.26 -4.65
C MET A 220 -21.02 -1.40 -4.29
N SER A 221 -20.20 -1.82 -5.25
CA SER A 221 -18.77 -1.80 -5.10
C SER A 221 -18.18 -1.77 -6.50
N LEU A 222 -16.96 -2.28 -6.66
CA LEU A 222 -16.38 -2.45 -8.00
C LEU A 222 -17.05 -3.61 -8.76
N ASP A 223 -17.26 -4.74 -8.06
CA ASP A 223 -17.77 -5.99 -8.64
C ASP A 223 -19.31 -6.08 -8.75
N GLU A 224 -20.00 -5.12 -8.13
CA GLU A 224 -21.41 -5.28 -7.81
C GLU A 224 -22.24 -4.07 -8.23
N ALA A 225 -23.47 -4.31 -8.67
CA ALA A 225 -24.36 -3.23 -9.15
C ALA A 225 -25.79 -3.70 -9.33
N TYR A 226 -26.75 -2.91 -8.83
CA TYR A 226 -28.17 -3.08 -9.19
C TYR A 226 -28.52 -2.27 -10.46
N LEU A 227 -29.41 -2.83 -11.28
CA LEU A 227 -29.98 -2.15 -12.46
C LEU A 227 -31.47 -2.24 -12.51
N ASN A 228 -32.09 -1.14 -12.93
CA ASN A 228 -33.51 -1.10 -13.29
C ASN A 228 -33.68 -1.12 -14.80
N ILE A 229 -34.05 -2.28 -15.34
CA ILE A 229 -34.16 -2.48 -16.79
C ILE A 229 -35.61 -2.40 -17.31
N THR A 230 -36.48 -1.75 -16.56
CA THR A 230 -37.88 -1.64 -16.95
C THR A 230 -38.00 -0.69 -18.15
N LYS A 231 -37.41 0.49 -18.04
CA LYS A 231 -37.43 1.46 -19.16
C LYS A 231 -36.77 0.92 -20.43
N HIS A 232 -35.78 0.05 -20.27
CA HIS A 232 -35.08 -0.56 -21.41
C HIS A 232 -35.86 -1.72 -22.01
N LEU A 233 -36.38 -2.60 -21.17
CA LEU A 233 -37.21 -3.72 -21.67
C LEU A 233 -38.40 -3.26 -22.48
N GLU A 234 -38.98 -2.13 -22.06
CA GLU A 234 -40.08 -1.45 -22.74
C GLU A 234 -39.66 -1.02 -24.15
N GLU A 235 -38.55 -0.28 -24.22
CA GLU A 235 -37.96 0.14 -25.51
C GLU A 235 -37.51 -1.04 -26.37
N ARG A 236 -36.99 -2.09 -25.75
CA ARG A 236 -36.45 -3.24 -26.46
C ARG A 236 -37.49 -4.12 -27.17
N GLN A 237 -38.75 -4.11 -26.72
CA GLN A 237 -39.75 -5.00 -27.32
C GLN A 237 -39.81 -4.81 -28.84
N ASN A 238 -39.72 -3.57 -29.27
CA ASN A 238 -39.91 -3.19 -30.65
C ASN A 238 -38.58 -2.68 -31.29
N TRP A 239 -37.51 -3.46 -31.08
CA TRP A 239 -36.16 -3.19 -31.60
C TRP A 239 -35.86 -4.20 -32.70
N PRO A 240 -35.26 -3.76 -33.83
CA PRO A 240 -34.78 -4.75 -34.85
C PRO A 240 -33.59 -5.56 -34.39
N GLU A 241 -33.32 -6.69 -35.06
CA GLU A 241 -32.21 -7.57 -34.68
C GLU A 241 -30.85 -6.90 -34.82
N ASP A 242 -30.72 -5.88 -35.69
CA ASP A 242 -29.46 -5.13 -35.86
C ASP A 242 -29.02 -4.41 -34.55
N LYS A 243 -29.97 -3.80 -33.85
CA LYS A 243 -29.68 -3.09 -32.58
C LYS A 243 -29.33 -3.98 -31.38
N ARG A 244 -29.57 -5.28 -31.47
CA ARG A 244 -29.19 -6.24 -30.42
C ARG A 244 -28.43 -7.47 -30.97
N ARG A 245 -27.46 -7.19 -31.82
CA ARG A 245 -26.52 -8.17 -32.38
C ARG A 245 -25.13 -7.78 -31.87
N TYR A 246 -24.34 -8.79 -31.47
CA TYR A 246 -22.97 -8.59 -31.00
C TYR A 246 -22.05 -9.65 -31.58
N PHE A 247 -20.95 -9.19 -32.17
CA PHE A 247 -20.00 -10.07 -32.88
C PHE A 247 -19.05 -10.75 -31.86
N ILE A 248 -18.63 -11.98 -32.16
CA ILE A 248 -17.78 -12.78 -31.24
C ILE A 248 -16.30 -12.40 -31.38
N LYS A 249 -15.59 -12.27 -30.25
CA LYS A 249 -14.16 -11.89 -30.22
C LYS A 249 -13.31 -13.10 -29.90
N ASN A 307 -18.72 -14.41 -37.97
CA ASN A 307 -19.24 -14.74 -36.65
C ASN A 307 -19.99 -13.53 -36.03
N SER A 308 -21.24 -13.77 -35.63
CA SER A 308 -22.13 -12.74 -35.01
C SER A 308 -23.26 -13.43 -34.25
N VAL A 309 -23.77 -12.80 -33.19
CA VAL A 309 -24.86 -13.39 -32.38
C VAL A 309 -25.90 -12.33 -31.96
N VAL A 310 -27.19 -12.70 -31.96
CA VAL A 310 -28.30 -11.82 -31.53
C VAL A 310 -29.04 -12.39 -30.35
N PHE A 311 -29.48 -11.50 -29.46
CA PHE A 311 -30.10 -11.90 -28.20
C PHE A 311 -31.52 -11.41 -28.17
N GLY A 312 -32.37 -12.11 -27.40
CA GLY A 312 -33.81 -11.90 -27.40
C GLY A 312 -34.35 -10.63 -26.76
N THR A 313 -35.67 -10.54 -26.71
CA THR A 313 -36.36 -9.36 -26.18
C THR A 313 -36.80 -9.53 -24.69
N SER A 314 -36.52 -10.70 -24.11
CA SER A 314 -36.93 -11.04 -22.74
C SER A 314 -35.88 -10.61 -21.71
N ALA A 315 -36.32 -10.51 -20.45
CA ALA A 315 -35.45 -10.14 -19.33
C ALA A 315 -34.26 -11.11 -19.19
N GLN A 316 -34.56 -12.40 -19.18
CA GLN A 316 -33.51 -13.44 -19.22
C GLN A 316 -32.48 -13.21 -20.31
N GLU A 317 -32.92 -12.78 -21.48
CA GLU A 317 -32.03 -12.50 -22.62
C GLU A 317 -31.22 -11.21 -22.45
N VAL A 318 -31.89 -10.11 -22.03
CA VAL A 318 -31.20 -8.82 -21.80
C VAL A 318 -30.02 -9.07 -20.87
N VAL A 319 -30.24 -9.84 -19.82
CA VAL A 319 -29.17 -10.13 -18.87
C VAL A 319 -28.10 -11.05 -19.48
N LYS A 320 -28.50 -12.01 -20.31
CA LYS A 320 -27.54 -12.82 -21.07
C LYS A 320 -26.65 -11.94 -21.96
N GLU A 321 -27.23 -10.86 -22.49
CA GLU A 321 -26.46 -9.83 -23.23
C GLU A 321 -25.39 -9.19 -22.37
N ILE A 322 -25.84 -8.65 -21.25
CA ILE A 322 -24.96 -7.98 -20.33
C ILE A 322 -23.82 -8.91 -19.96
N ARG A 323 -24.15 -10.14 -19.57
CA ARG A 323 -23.11 -11.09 -19.18
C ARG A 323 -22.21 -11.48 -20.35
N PHE A 324 -22.77 -11.56 -21.56
CA PHE A 324 -21.96 -11.82 -22.76
C PHE A 324 -20.96 -10.69 -22.97
N ARG A 325 -21.48 -9.49 -23.18
CA ARG A 325 -20.67 -8.30 -23.47
C ARG A 325 -19.53 -8.09 -22.48
N ILE A 326 -19.81 -8.32 -21.20
CA ILE A 326 -18.79 -8.27 -20.15
C ILE A 326 -17.69 -9.28 -20.42
N GLU A 327 -18.04 -10.53 -20.72
CA GLU A 327 -17.04 -11.56 -21.02
C GLU A 327 -16.20 -11.25 -22.27
N GLN A 328 -16.82 -10.61 -23.27
CA GLN A 328 -16.09 -10.16 -24.46
C GLN A 328 -15.07 -9.12 -24.04
N LYS A 329 -15.58 -8.02 -23.47
CA LYS A 329 -14.80 -6.82 -23.14
C LYS A 329 -13.70 -7.00 -22.08
N THR A 330 -13.93 -7.84 -21.07
CA THR A 330 -12.99 -8.01 -19.96
C THR A 330 -12.38 -9.41 -19.84
N THR A 331 -12.83 -10.34 -20.68
CA THR A 331 -12.49 -11.77 -20.51
C THR A 331 -12.65 -12.26 -19.08
N LEU A 332 -13.79 -11.89 -18.49
CA LEU A 332 -14.18 -12.28 -17.12
C LEU A 332 -15.69 -12.58 -17.05
N THR A 333 -16.07 -13.50 -16.16
CA THR A 333 -17.45 -13.92 -16.00
C THR A 333 -18.11 -13.18 -14.87
N ALA A 334 -19.42 -12.99 -15.00
CA ALA A 334 -20.25 -12.42 -13.94
C ALA A 334 -21.53 -13.25 -13.77
N SER A 335 -22.10 -13.25 -12.58
CA SER A 335 -23.40 -13.86 -12.33
C SER A 335 -24.44 -12.76 -12.20
N ALA A 336 -25.70 -13.13 -12.34
CA ALA A 336 -26.79 -12.16 -12.25
C ALA A 336 -28.06 -12.69 -11.59
N GLY A 337 -28.82 -11.78 -11.00
CA GLY A 337 -30.15 -12.09 -10.46
C GLY A 337 -31.18 -11.19 -11.13
N ILE A 338 -32.34 -11.77 -11.46
CA ILE A 338 -33.45 -11.01 -12.03
C ILE A 338 -34.66 -11.21 -11.12
N ALA A 339 -35.28 -10.12 -10.69
CA ALA A 339 -36.42 -10.19 -9.79
C ALA A 339 -37.16 -8.86 -9.76
N PRO A 340 -38.37 -8.84 -9.16
CA PRO A 340 -39.12 -7.58 -9.15
C PRO A 340 -38.67 -6.53 -8.14
N ASN A 341 -37.81 -6.89 -7.17
CA ASN A 341 -37.22 -5.93 -6.22
C ASN A 341 -35.78 -6.27 -5.87
N THR A 342 -35.06 -5.28 -5.34
CA THR A 342 -33.60 -5.36 -5.14
C THR A 342 -33.18 -6.49 -4.20
N MET A 343 -33.81 -6.52 -3.04
CA MET A 343 -33.55 -7.57 -2.04
C MET A 343 -33.58 -8.96 -2.66
N LEU A 344 -34.60 -9.21 -3.48
CA LEU A 344 -34.75 -10.50 -4.13
C LEU A 344 -33.66 -10.75 -5.16
N ALA A 345 -33.45 -9.78 -6.04
CA ALA A 345 -32.45 -9.87 -7.11
C ALA A 345 -31.10 -10.25 -6.54
N LYS A 346 -30.73 -9.56 -5.47
CA LYS A 346 -29.50 -9.79 -4.72
C LYS A 346 -29.33 -11.23 -4.22
N VAL A 347 -30.43 -11.89 -3.85
CA VAL A 347 -30.38 -13.27 -3.36
C VAL A 347 -30.14 -14.29 -4.49
N CYS A 348 -30.92 -14.18 -5.57
CA CYS A 348 -30.82 -15.10 -6.70
C CYS A 348 -29.55 -14.87 -7.55
N SER A 349 -28.99 -13.67 -7.48
CA SER A 349 -27.68 -13.38 -8.06
C SER A 349 -26.60 -14.38 -7.60
N ASP A 350 -26.68 -14.80 -6.35
CA ASP A 350 -25.75 -15.77 -5.75
C ASP A 350 -26.15 -17.25 -5.96
N LYS A 351 -27.33 -17.50 -6.53
CA LYS A 351 -27.89 -18.85 -6.62
C LYS A 351 -27.18 -19.71 -7.65
N ASN A 352 -27.12 -19.22 -8.89
CA ASN A 352 -26.45 -19.94 -9.98
C ASN A 352 -25.04 -19.41 -10.27
N LYS A 353 -24.34 -19.03 -9.20
CA LYS A 353 -23.00 -18.48 -9.27
C LYS A 353 -22.01 -19.64 -9.24
N PRO A 354 -20.96 -19.65 -10.07
CA PRO A 354 -20.59 -18.57 -10.98
C PRO A 354 -21.21 -18.69 -12.35
N ASN A 355 -21.05 -17.64 -13.16
CA ASN A 355 -21.39 -17.62 -14.58
C ASN A 355 -22.82 -18.06 -14.92
N GLY A 356 -23.77 -17.61 -14.11
CA GLY A 356 -25.17 -18.03 -14.28
C GLY A 356 -26.18 -17.05 -13.72
N GLN A 357 -27.39 -17.14 -14.27
CA GLN A 357 -28.49 -16.26 -13.94
C GLN A 357 -29.55 -16.98 -13.14
N TYR A 358 -30.51 -16.21 -12.65
CA TYR A 358 -31.75 -16.76 -12.15
C TYR A 358 -32.81 -15.67 -12.13
N GLN A 359 -34.00 -16.03 -12.60
CA GLN A 359 -35.12 -15.11 -12.56
C GLN A 359 -36.19 -15.62 -11.59
N ILE A 360 -36.71 -14.69 -10.78
CA ILE A 360 -37.99 -14.82 -10.12
C ILE A 360 -38.99 -14.08 -11.01
N LEU A 361 -39.93 -14.81 -11.61
CA LEU A 361 -40.87 -14.21 -12.54
C LEU A 361 -41.78 -13.24 -11.81
N PRO A 362 -42.24 -12.15 -12.47
CA PRO A 362 -43.06 -11.16 -11.77
C PRO A 362 -44.51 -11.64 -11.61
N ASN A 363 -44.71 -12.51 -10.63
CA ASN A 363 -46.02 -12.95 -10.17
C ASN A 363 -45.92 -13.35 -8.69
N ARG A 364 -46.98 -13.07 -7.93
CA ARG A 364 -46.94 -13.24 -6.48
C ARG A 364 -46.57 -14.67 -6.06
N GLN A 365 -47.08 -15.66 -6.78
CA GLN A 365 -46.84 -17.06 -6.44
C GLN A 365 -45.35 -17.44 -6.51
N ALA A 366 -44.72 -17.12 -7.63
CA ALA A 366 -43.31 -17.48 -7.88
C ALA A 366 -42.37 -16.89 -6.82
N VAL A 367 -42.64 -15.63 -6.46
CA VAL A 367 -41.96 -14.94 -5.35
C VAL A 367 -42.01 -15.83 -4.12
N MET A 368 -43.24 -16.16 -3.72
CA MET A 368 -43.49 -16.93 -2.51
C MET A 368 -42.97 -18.35 -2.56
N ASP A 369 -42.96 -18.94 -3.75
CA ASP A 369 -42.37 -20.27 -3.94
C ASP A 369 -40.90 -20.26 -3.53
N PHE A 370 -40.17 -19.22 -3.91
CA PHE A 370 -38.75 -19.10 -3.60
C PHE A 370 -38.48 -18.78 -2.13
N ILE A 371 -39.10 -17.71 -1.65
CA ILE A 371 -39.04 -17.31 -0.25
C ILE A 371 -39.21 -18.52 0.66
N LYS A 372 -40.35 -19.19 0.52
CA LYS A 372 -40.75 -20.37 1.33
C LYS A 372 -39.64 -21.00 2.17
N ASP A 373 -38.61 -21.54 1.51
CA ASP A 373 -37.56 -22.32 2.19
C ASP A 373 -36.19 -21.65 2.19
N LEU A 374 -36.17 -20.35 1.89
CA LEU A 374 -34.94 -19.58 1.81
C LEU A 374 -34.38 -19.28 3.20
N PRO A 375 -33.14 -19.72 3.48
CA PRO A 375 -32.62 -19.39 4.81
C PRO A 375 -32.49 -17.87 4.97
N ILE A 376 -32.74 -17.40 6.18
CA ILE A 376 -32.55 -15.98 6.51
C ILE A 376 -31.10 -15.50 6.30
N ARG A 377 -30.14 -16.38 6.56
CA ARG A 377 -28.72 -16.03 6.38
C ARG A 377 -28.37 -15.58 4.96
N LYS A 378 -29.05 -16.15 3.96
CA LYS A 378 -28.81 -15.80 2.55
C LYS A 378 -29.34 -14.42 2.18
N VAL A 379 -29.95 -13.70 3.10
CA VAL A 379 -30.43 -12.34 2.80
C VAL A 379 -29.35 -11.32 3.17
N SER A 380 -29.26 -10.28 2.35
CA SER A 380 -28.35 -9.18 2.61
C SER A 380 -28.92 -8.35 3.73
N GLY A 381 -28.19 -8.27 4.84
CA GLY A 381 -28.65 -7.60 6.05
C GLY A 381 -28.66 -8.51 7.27
N ILE A 382 -28.99 -9.79 7.06
CA ILE A 382 -28.98 -10.78 8.14
C ILE A 382 -27.58 -11.40 8.19
N GLY A 383 -26.78 -10.99 9.15
CA GLY A 383 -25.45 -11.54 9.31
C GLY A 383 -25.39 -12.67 10.32
N LYS A 384 -24.17 -12.97 10.78
CA LYS A 384 -23.91 -14.12 11.64
C LYS A 384 -24.62 -14.03 12.97
N VAL A 385 -24.55 -12.85 13.59
CA VAL A 385 -25.18 -12.64 14.89
C VAL A 385 -26.69 -12.74 14.80
N THR A 386 -27.28 -11.98 13.89
CA THR A 386 -28.73 -12.01 13.72
C THR A 386 -29.19 -13.43 13.38
N GLU A 387 -28.42 -14.16 12.56
CA GLU A 387 -28.74 -15.56 12.26
C GLU A 387 -28.89 -16.35 13.55
N LYS A 388 -27.88 -16.26 14.42
CA LYS A 388 -27.86 -16.96 15.71
C LYS A 388 -28.99 -16.55 16.67
N MET A 389 -29.37 -15.27 16.64
CA MET A 389 -30.45 -14.77 17.48
C MET A 389 -31.78 -15.31 16.99
N LEU A 390 -32.02 -15.23 15.69
CA LEU A 390 -33.28 -15.75 15.14
C LEU A 390 -33.32 -17.28 15.19
N LYS A 391 -32.15 -17.92 15.05
CA LYS A 391 -32.04 -19.38 15.24
C LYS A 391 -32.44 -19.80 16.64
N ALA A 392 -32.13 -18.97 17.64
CA ALA A 392 -32.57 -19.23 19.02
C ALA A 392 -34.09 -19.17 19.26
N LEU A 393 -34.85 -18.65 18.29
CA LEU A 393 -36.31 -18.70 18.32
C LEU A 393 -36.85 -19.73 17.32
N GLY A 394 -36.00 -20.68 16.91
CA GLY A 394 -36.36 -21.65 15.87
C GLY A 394 -36.58 -21.08 14.48
N ILE A 395 -36.10 -19.87 14.20
CA ILE A 395 -36.25 -19.23 12.89
C ILE A 395 -34.97 -19.43 12.08
N ILE A 396 -35.08 -20.24 11.04
CA ILE A 396 -34.00 -20.47 10.10
C ILE A 396 -34.39 -20.02 8.68
N THR A 397 -35.65 -20.26 8.27
CA THR A 397 -36.15 -19.88 6.93
C THR A 397 -37.05 -18.66 6.96
N CYS A 398 -37.42 -18.17 5.80
CA CYS A 398 -38.22 -16.92 5.67
C CYS A 398 -39.72 -17.07 5.93
N THR A 399 -40.24 -18.29 5.90
CA THR A 399 -41.63 -18.54 6.32
C THR A 399 -41.72 -18.64 7.85
N GLU A 400 -40.69 -19.21 8.47
CA GLU A 400 -40.59 -19.23 9.94
C GLU A 400 -40.50 -17.81 10.48
N LEU A 401 -39.79 -16.95 9.78
CA LEU A 401 -39.78 -15.51 10.07
C LEU A 401 -41.18 -14.87 9.99
N TYR A 402 -42.00 -15.30 9.02
CA TYR A 402 -43.38 -14.83 8.90
C TYR A 402 -44.24 -15.33 10.05
N GLN A 403 -44.16 -16.61 10.32
CA GLN A 403 -44.94 -17.23 11.38
C GLN A 403 -44.78 -16.49 12.72
N GLN A 404 -43.55 -16.21 13.10
CA GLN A 404 -43.24 -15.64 14.41
C GLN A 404 -43.31 -14.10 14.43
N ARG A 405 -43.86 -13.48 13.37
CA ARG A 405 -43.90 -12.00 13.23
C ARG A 405 -44.44 -11.21 14.42
N ALA A 406 -45.36 -11.80 15.16
CA ALA A 406 -45.91 -11.19 16.38
C ALA A 406 -44.87 -11.23 17.51
N LEU A 407 -44.36 -12.43 17.79
CA LEU A 407 -43.27 -12.61 18.73
C LEU A 407 -42.12 -11.61 18.43
N LEU A 408 -41.79 -11.47 17.14
CA LEU A 408 -40.73 -10.56 16.68
C LEU A 408 -41.04 -9.08 16.85
N SER A 409 -42.31 -8.71 16.88
CA SER A 409 -42.71 -7.32 17.12
C SER A 409 -42.50 -6.89 18.60
N LEU A 410 -42.46 -7.88 19.50
CA LEU A 410 -42.27 -7.62 20.94
C LEU A 410 -40.81 -7.74 21.38
N LEU A 411 -40.04 -8.64 20.77
CA LEU A 411 -38.61 -8.83 21.10
C LEU A 411 -37.67 -7.82 20.43
N PHE A 412 -37.95 -7.49 19.17
CA PHE A 412 -37.12 -6.55 18.39
C PHE A 412 -37.74 -5.18 18.21
N SER A 413 -36.89 -4.22 17.91
CA SER A 413 -37.30 -2.84 17.76
C SER A 413 -38.10 -2.65 16.50
N GLU A 414 -38.75 -1.49 16.42
CA GLU A 414 -39.68 -1.18 15.34
C GLU A 414 -39.01 -1.33 13.98
N THR A 415 -37.86 -0.68 13.80
CA THR A 415 -37.13 -0.73 12.54
C THR A 415 -36.68 -2.15 12.19
N SER A 416 -36.30 -2.93 13.20
CA SER A 416 -35.88 -4.32 12.95
C SER A 416 -37.01 -5.25 12.50
N TRP A 417 -38.15 -5.27 13.18
CA TRP A 417 -39.24 -6.19 12.78
C TRP A 417 -39.96 -5.72 11.51
N HIS A 418 -40.05 -4.40 11.32
CA HIS A 418 -40.48 -3.84 10.03
C HIS A 418 -39.67 -4.43 8.89
N TYR A 419 -38.34 -4.33 9.03
CA TYR A 419 -37.43 -4.92 8.07
C TYR A 419 -37.68 -6.43 7.95
N PHE A 420 -37.70 -7.16 9.08
CA PHE A 420 -37.94 -8.63 9.04
C PHE A 420 -39.24 -9.01 8.31
N LEU A 421 -40.26 -8.17 8.41
CA LEU A 421 -41.54 -8.46 7.77
C LEU A 421 -41.48 -8.28 6.26
N HIS A 422 -40.86 -7.19 5.80
CA HIS A 422 -40.57 -6.97 4.37
C HIS A 422 -39.90 -8.21 3.77
N ILE A 423 -38.96 -8.78 4.53
CA ILE A 423 -38.20 -9.97 4.14
C ILE A 423 -39.13 -11.19 4.10
N SER A 424 -39.98 -11.31 5.13
CA SER A 424 -40.93 -12.44 5.28
C SER A 424 -41.86 -12.55 4.09
N LEU A 425 -42.37 -11.39 3.66
CA LEU A 425 -43.27 -11.29 2.52
C LEU A 425 -42.57 -11.13 1.15
N GLY A 426 -41.24 -11.25 1.11
CA GLY A 426 -40.48 -11.11 -0.12
C GLY A 426 -40.55 -9.74 -0.79
N LEU A 427 -40.76 -8.70 0.02
CA LEU A 427 -40.78 -7.32 -0.49
C LEU A 427 -39.36 -6.73 -0.48
N GLY A 428 -39.24 -5.55 -1.07
CA GLY A 428 -37.98 -4.83 -1.08
C GLY A 428 -38.09 -3.56 -1.89
N SER A 429 -36.95 -2.99 -2.23
CA SER A 429 -36.89 -1.74 -2.99
C SER A 429 -37.08 -2.05 -4.49
N THR A 430 -37.91 -1.25 -5.16
CA THR A 430 -38.21 -1.41 -6.59
C THR A 430 -37.75 -0.25 -7.48
N HIS A 431 -37.36 0.89 -6.89
CA HIS A 431 -36.66 1.96 -7.63
C HIS A 431 -35.31 2.20 -6.96
N LEU A 432 -34.28 2.47 -7.76
CA LEU A 432 -32.94 2.64 -7.24
C LEU A 432 -32.75 4.11 -6.90
N THR A 433 -32.77 4.44 -5.61
CA THR A 433 -32.64 5.82 -5.16
C THR A 433 -31.19 6.27 -5.36
N ARG A 434 -30.99 7.39 -6.04
CA ARG A 434 -29.65 7.89 -6.41
C ARG A 434 -28.72 8.00 -5.20
N ASP A 435 -27.44 7.71 -5.40
CA ASP A 435 -26.47 7.73 -4.31
C ASP A 435 -26.44 9.13 -3.67
N GLY A 436 -26.92 9.21 -2.43
CA GLY A 436 -26.94 10.46 -1.67
C GLY A 436 -25.55 10.90 -1.24
N GLU A 437 -25.47 12.08 -0.64
CA GLU A 437 -24.18 12.67 -0.23
C GLU A 437 -23.64 11.95 1.00
N ARG A 438 -22.31 11.80 1.07
CA ARG A 438 -21.69 10.99 2.13
C ARG A 438 -21.91 11.59 3.51
N LYS A 439 -21.93 10.75 4.52
CA LYS A 439 -22.11 11.20 5.90
C LYS A 439 -20.88 11.03 6.79
N SER A 440 -19.86 10.32 6.33
CA SER A 440 -18.57 10.30 7.02
C SER A 440 -17.41 10.04 6.06
N MET A 441 -16.19 10.29 6.53
CA MET A 441 -14.99 9.89 5.81
C MET A 441 -13.94 9.54 6.84
N SER A 442 -13.18 8.47 6.57
CA SER A 442 -12.28 7.92 7.58
C SER A 442 -11.03 7.27 7.04
N VAL A 443 -10.09 7.04 7.94
CA VAL A 443 -8.85 6.34 7.61
C VAL A 443 -8.37 5.61 8.87
N GLU A 444 -7.96 4.36 8.70
CA GLU A 444 -7.36 3.59 9.79
C GLU A 444 -6.27 2.71 9.22
N ARG A 445 -5.37 2.29 10.10
CA ARG A 445 -4.22 1.48 9.71
C ARG A 445 -3.76 0.53 10.81
N THR A 446 -3.38 -0.69 10.42
CA THR A 446 -2.80 -1.67 11.33
C THR A 446 -1.27 -1.60 11.23
N PHE A 447 -0.62 -1.95 12.34
CA PHE A 447 0.84 -2.01 12.38
C PHE A 447 1.28 -2.93 13.51
N SER A 448 2.55 -3.34 13.49
CA SER A 448 3.16 -3.99 14.64
C SER A 448 3.13 -3.01 15.81
N GLU A 449 3.16 -3.57 17.01
CA GLU A 449 2.84 -2.82 18.23
C GLU A 449 3.51 -1.45 18.30
N ILE A 450 2.73 -0.47 18.77
CA ILE A 450 3.25 0.84 19.09
C ILE A 450 2.85 1.17 20.53
N ASN A 451 3.87 1.44 21.36
CA ASN A 451 3.66 1.80 22.76
C ASN A 451 4.29 3.14 23.16
N LYS A 452 5.37 3.55 22.50
CA LYS A 452 5.99 4.86 22.78
C LYS A 452 5.00 5.97 22.36
N ALA A 453 4.53 6.74 23.34
CA ALA A 453 3.44 7.71 23.14
C ALA A 453 3.72 8.75 22.06
N GLU A 454 4.95 9.26 21.99
CA GLU A 454 5.32 10.25 20.96
C GLU A 454 5.15 9.73 19.54
N GLU A 455 5.40 8.44 19.35
CA GLU A 455 5.14 7.77 18.07
C GLU A 455 3.64 7.68 17.79
N GLN A 456 2.85 7.42 18.83
CA GLN A 456 1.39 7.33 18.70
C GLN A 456 0.78 8.66 18.29
N TYR A 457 1.32 9.77 18.81
CA TYR A 457 0.90 11.10 18.38
C TYR A 457 1.27 11.31 16.92
N SER A 458 2.54 11.11 16.58
CA SER A 458 3.06 11.25 15.20
C SER A 458 2.25 10.46 14.17
N LEU A 459 1.80 9.28 14.56
CA LEU A 459 0.96 8.44 13.71
C LEU A 459 -0.42 9.09 13.54
N CYS A 460 -1.05 9.42 14.67
CA CYS A 460 -2.31 10.17 14.67
C CYS A 460 -2.25 11.37 13.74
N GLN A 461 -1.14 12.09 13.79
CA GLN A 461 -0.91 13.26 12.94
C GLN A 461 -0.85 12.91 11.48
N GLU A 462 -0.25 11.76 11.17
CA GLU A 462 -0.19 11.25 9.79
C GLU A 462 -1.57 10.83 9.28
N LEU A 463 -2.33 10.12 10.11
CA LEU A 463 -3.66 9.71 9.71
C LEU A 463 -4.53 10.94 9.50
N CYS A 464 -4.41 11.89 10.43
CA CYS A 464 -5.16 13.14 10.34
C CYS A 464 -4.85 13.87 9.04
N SER A 465 -3.58 13.89 8.62
CA SER A 465 -3.20 14.53 7.35
C SER A 465 -3.82 13.83 6.16
N GLU A 466 -3.72 12.50 6.15
CA GLU A 466 -4.30 11.71 5.06
C GLU A 466 -5.76 12.02 4.96
N LEU A 467 -6.46 11.96 6.08
CA LEU A 467 -7.89 12.23 6.10
C LEU A 467 -8.19 13.66 5.59
N ALA A 468 -7.35 14.62 5.97
CA ALA A 468 -7.50 15.98 5.48
C ALA A 468 -7.38 16.02 3.97
N GLN A 469 -6.36 15.36 3.42
CA GLN A 469 -6.15 15.35 1.96
C GLN A 469 -7.33 14.68 1.21
N ASP A 470 -7.98 13.69 1.83
CA ASP A 470 -9.17 13.04 1.26
C ASP A 470 -10.37 14.00 1.19
N LEU A 471 -10.58 14.78 2.25
CA LEU A 471 -11.63 15.81 2.28
C LEU A 471 -11.39 16.92 1.25
N GLN A 472 -10.12 17.29 1.11
CA GLN A 472 -9.69 18.29 0.12
C GLN A 472 -10.19 17.90 -1.27
N LYS A 473 -9.97 16.63 -1.63
CA LYS A 473 -10.43 16.03 -2.90
C LYS A 473 -11.91 16.33 -3.18
N GLU A 474 -12.77 16.06 -2.19
CA GLU A 474 -14.23 16.26 -2.32
C GLU A 474 -14.73 17.59 -1.75
N ARG A 475 -13.82 18.43 -1.27
CA ARG A 475 -14.13 19.77 -0.75
C ARG A 475 -15.22 19.72 0.33
N LEU A 476 -15.02 18.85 1.31
CA LEU A 476 -15.93 18.66 2.43
C LEU A 476 -15.27 19.11 3.73
N LYS A 477 -16.12 19.46 4.69
CA LYS A 477 -15.66 19.91 5.99
C LYS A 477 -16.69 19.47 7.01
N GLY A 478 -16.23 19.13 8.21
CA GLY A 478 -17.11 18.50 9.21
C GLY A 478 -16.91 19.04 10.59
N ARG A 479 -17.75 18.57 11.51
CA ARG A 479 -17.79 19.05 12.90
C ARG A 479 -17.45 18.03 13.97
N THR A 480 -17.44 16.74 13.63
CA THR A 480 -17.24 15.68 14.61
C THR A 480 -16.06 14.79 14.22
N VAL A 481 -14.97 14.94 14.96
CA VAL A 481 -13.80 14.10 14.79
C VAL A 481 -13.91 12.92 15.75
N THR A 482 -13.53 11.75 15.25
CA THR A 482 -13.62 10.51 16.00
C THR A 482 -12.34 9.67 15.83
N ILE A 483 -11.61 9.43 16.90
CA ILE A 483 -10.48 8.49 16.81
C ILE A 483 -10.95 7.07 17.06
N LYS A 484 -10.13 6.11 16.65
CA LYS A 484 -10.37 4.69 16.87
C LYS A 484 -9.08 4.04 17.27
N LEU A 485 -9.06 3.36 18.41
CA LEU A 485 -7.84 2.69 18.90
C LEU A 485 -8.12 1.22 19.14
N LYS A 486 -7.26 0.36 18.61
CA LYS A 486 -7.36 -1.05 18.88
C LYS A 486 -6.06 -1.52 19.53
N ASN A 487 -6.17 -2.11 20.73
CA ASN A 487 -5.00 -2.61 21.45
C ASN A 487 -4.60 -4.02 21.01
N VAL A 488 -3.42 -4.46 21.46
CA VAL A 488 -2.85 -5.77 21.04
C VAL A 488 -3.64 -7.02 21.37
N ASN A 489 -4.64 -6.91 22.26
CA ASN A 489 -5.64 -7.98 22.48
C ASN A 489 -6.95 -7.78 21.69
N PHE A 490 -6.92 -6.91 20.68
CA PHE A 490 -8.04 -6.68 19.74
C PHE A 490 -9.28 -5.95 20.30
N GLU A 491 -9.11 -5.31 21.45
CA GLU A 491 -10.17 -4.52 22.04
C GLU A 491 -10.15 -3.15 21.37
N VAL A 492 -11.31 -2.74 20.88
CA VAL A 492 -11.46 -1.52 20.11
C VAL A 492 -12.11 -0.46 20.98
N LYS A 493 -11.51 0.72 21.06
CA LYS A 493 -12.19 1.90 21.60
C LYS A 493 -12.40 2.90 20.48
N THR A 494 -13.47 3.68 20.60
CA THR A 494 -13.65 4.87 19.77
C THR A 494 -13.82 6.03 20.74
N ARG A 495 -13.34 7.20 20.35
CA ARG A 495 -13.55 8.39 21.12
C ARG A 495 -13.87 9.50 20.14
N ALA A 496 -14.90 10.27 20.45
CA ALA A 496 -15.37 11.31 19.57
C ALA A 496 -15.29 12.66 20.24
N SER A 497 -15.35 13.72 19.44
CA SER A 497 -15.77 15.03 19.94
C SER A 497 -16.38 15.84 18.81
N THR A 498 -17.47 16.54 19.12
CA THR A 498 -18.12 17.45 18.18
C THR A 498 -17.76 18.89 18.56
N VAL A 499 -17.49 19.71 17.55
CA VAL A 499 -17.05 21.08 17.76
C VAL A 499 -18.09 22.00 17.12
N SER A 500 -18.21 23.21 17.66
CA SER A 500 -19.14 24.22 17.13
C SER A 500 -18.75 24.58 15.70
N SER A 501 -17.52 25.05 15.54
CA SER A 501 -16.99 25.42 14.25
C SER A 501 -16.76 24.18 13.38
N VAL A 502 -17.02 24.32 12.08
CA VAL A 502 -16.69 23.31 11.09
C VAL A 502 -15.17 23.25 10.89
N VAL A 503 -14.59 22.04 10.83
CA VAL A 503 -13.13 21.83 10.64
C VAL A 503 -12.83 20.99 9.39
N SER A 504 -11.54 20.97 8.98
CA SER A 504 -11.16 20.44 7.66
C SER A 504 -9.65 20.25 7.40
N THR A 505 -8.81 21.18 7.86
CA THR A 505 -7.37 21.08 7.61
C THR A 505 -6.75 19.95 8.43
N ALA A 506 -5.55 19.54 8.02
CA ALA A 506 -4.76 18.57 8.76
C ALA A 506 -4.51 18.98 10.21
N GLU A 507 -4.27 20.27 10.42
CA GLU A 507 -3.96 20.79 11.76
C GLU A 507 -5.17 20.73 12.68
N GLU A 508 -6.30 21.23 12.17
CA GLU A 508 -7.56 21.31 12.94
C GLU A 508 -7.98 19.94 13.41
N ILE A 509 -7.93 18.99 12.48
CA ILE A 509 -8.28 17.62 12.80
C ILE A 509 -7.29 17.17 13.87
N PHE A 510 -6.00 17.26 13.58
CA PHE A 510 -5.01 16.77 14.54
C PHE A 510 -5.13 17.44 15.90
N ALA A 511 -5.44 18.72 15.88
CA ALA A 511 -5.70 19.47 17.10
C ALA A 511 -6.70 18.73 17.98
N ILE A 512 -7.82 18.36 17.38
CA ILE A 512 -8.92 17.73 18.11
C ILE A 512 -8.57 16.29 18.50
N ALA A 513 -8.02 15.53 17.54
CA ALA A 513 -7.62 14.13 17.75
C ALA A 513 -6.51 13.96 18.80
N LYS A 514 -5.51 14.85 18.78
CA LYS A 514 -4.41 14.89 19.76
C LYS A 514 -4.97 14.79 21.20
N GLU A 515 -5.91 15.68 21.52
CA GLU A 515 -6.53 15.76 22.86
C GLU A 515 -7.29 14.49 23.23
N LEU A 516 -8.04 13.96 22.28
CA LEU A 516 -8.77 12.71 22.47
C LEU A 516 -7.83 11.57 22.76
N LEU A 517 -6.76 11.52 21.97
CA LEU A 517 -5.71 10.54 22.19
C LEU A 517 -5.04 10.73 23.55
N LYS A 518 -4.77 11.99 23.91
CA LYS A 518 -4.14 12.32 25.20
C LYS A 518 -4.97 11.78 26.36
N THR A 519 -6.25 12.10 26.36
CA THR A 519 -7.18 11.64 27.38
C THR A 519 -7.05 10.14 27.64
N GLU A 520 -6.85 9.38 26.56
CA GLU A 520 -6.69 7.92 26.64
C GLU A 520 -5.36 7.47 27.21
N ILE A 521 -4.26 8.13 26.83
CA ILE A 521 -2.92 7.76 27.33
C ILE A 521 -2.84 8.06 28.82
N ASP A 522 -3.36 9.24 29.19
CA ASP A 522 -3.43 9.68 30.58
C ASP A 522 -4.29 8.73 31.41
N ALA A 523 -5.36 8.21 30.82
CA ALA A 523 -6.28 7.31 31.53
C ALA A 523 -5.60 6.05 32.08
N ASP A 524 -4.73 5.42 31.28
CA ASP A 524 -4.00 4.22 31.72
C ASP A 524 -2.69 4.50 32.49
N PHE A 525 -2.15 5.72 32.38
CA PHE A 525 -0.96 6.21 33.12
C PHE A 525 -0.86 5.53 34.51
N PRO A 526 0.23 4.84 34.85
CA PRO A 526 1.52 4.80 34.14
C PRO A 526 1.66 3.84 32.99
N HIS A 527 0.64 3.04 32.70
CA HIS A 527 0.76 2.03 31.67
C HIS A 527 0.69 2.69 30.28
N PRO A 528 1.51 2.20 29.33
CA PRO A 528 1.43 2.67 27.97
C PRO A 528 0.30 1.94 27.27
N LEU A 529 -0.33 2.60 26.31
CA LEU A 529 -1.30 1.97 25.44
C LEU A 529 -0.52 1.11 24.48
N ARG A 530 -0.86 -0.16 24.37
CA ARG A 530 -0.20 -1.06 23.43
C ARG A 530 -1.12 -1.22 22.22
N LEU A 531 -0.97 -0.36 21.23
CA LEU A 531 -1.88 -0.32 20.09
C LEU A 531 -1.36 -1.13 18.95
N ARG A 532 -2.28 -1.80 18.26
CA ARG A 532 -1.99 -2.40 16.95
C ARG A 532 -2.66 -1.65 15.81
N LEU A 533 -3.63 -0.79 16.10
CA LEU A 533 -4.35 -0.07 15.06
C LEU A 533 -4.90 1.23 15.58
N MET A 534 -4.77 2.28 14.78
CA MET A 534 -5.36 3.58 15.09
C MET A 534 -6.14 4.06 13.88
N GLY A 535 -7.16 4.87 14.11
CA GLY A 535 -7.93 5.46 13.03
C GLY A 535 -8.45 6.84 13.35
N VAL A 536 -8.83 7.57 12.31
CA VAL A 536 -9.44 8.88 12.48
C VAL A 536 -10.58 9.01 11.48
N ARG A 537 -11.78 9.30 11.97
CA ARG A 537 -12.95 9.62 11.14
C ARG A 537 -13.39 11.08 11.36
N ILE A 538 -13.88 11.69 10.30
CA ILE A 538 -14.64 12.93 10.42
C ILE A 538 -16.07 12.74 9.93
N SER A 539 -16.99 13.47 10.55
CA SER A 539 -18.43 13.34 10.29
C SER A 539 -19.19 14.64 10.63
N SER A 540 -20.52 14.62 10.53
CA SER A 540 -21.40 15.76 10.82
C SER A 540 -21.18 16.86 9.82
N PHE A 541 -21.35 16.51 8.55
CA PHE A 541 -21.24 17.47 7.45
C PHE A 541 -22.53 18.36 7.41
N PRO A 542 -22.57 19.40 6.55
CA PRO A 542 -23.77 20.28 6.57
C PRO A 542 -25.12 19.70 6.05
N ASN A 543 -26.20 20.51 6.13
CA ASN A 543 -27.59 19.99 6.22
C ASN A 543 -28.05 19.05 5.10
N LEU B 56 26.26 -18.91 4.99
CA LEU B 56 26.59 -19.46 3.63
C LEU B 56 27.88 -18.84 3.02
N ASP B 57 28.57 -19.65 2.21
CA ASP B 57 29.81 -19.23 1.54
C ASP B 57 29.50 -18.36 0.32
N LYS B 58 30.36 -17.38 0.08
CA LYS B 58 30.21 -16.43 -1.04
C LYS B 58 30.02 -17.09 -2.43
N GLU B 59 30.71 -18.21 -2.65
CA GLU B 59 30.49 -19.05 -3.84
C GLU B 59 29.12 -19.73 -3.80
N LYS B 60 28.74 -20.24 -2.62
CA LYS B 60 27.42 -20.89 -2.41
C LYS B 60 26.20 -19.97 -2.67
N ILE B 61 26.36 -18.67 -2.40
CA ILE B 61 25.26 -17.68 -2.56
C ILE B 61 25.00 -17.38 -4.03
N ASN B 62 25.98 -16.79 -4.72
CA ASN B 62 25.89 -16.45 -6.15
C ASN B 62 25.42 -17.62 -7.04
N LYS B 63 25.64 -18.86 -6.57
CA LYS B 63 25.12 -20.07 -7.20
C LYS B 63 23.61 -20.28 -7.05
N ILE B 64 23.10 -20.13 -5.83
CA ILE B 64 21.68 -20.38 -5.55
C ILE B 64 20.80 -19.41 -6.30
N ILE B 65 21.24 -18.14 -6.35
CA ILE B 65 20.54 -17.10 -7.11
C ILE B 65 20.52 -17.48 -8.59
N MET B 66 21.69 -17.79 -9.17
CA MET B 66 21.81 -18.26 -10.57
C MET B 66 20.89 -19.45 -10.87
N GLU B 67 20.72 -20.34 -9.90
CA GLU B 67 19.78 -21.47 -10.00
C GLU B 67 18.33 -21.01 -10.11
N ALA B 68 17.90 -20.15 -9.20
CA ALA B 68 16.54 -19.62 -9.17
C ALA B 68 16.29 -18.52 -10.23
N THR B 69 17.30 -17.71 -10.50
CA THR B 69 17.18 -16.56 -11.39
C THR B 69 17.23 -16.95 -12.87
N LYS B 70 18.13 -17.86 -13.25
CA LYS B 70 18.35 -18.22 -14.68
C LYS B 70 17.06 -18.53 -15.40
N GLY B 71 16.97 -18.11 -16.66
CA GLY B 71 15.77 -18.31 -17.49
C GLY B 71 14.64 -17.29 -17.37
N SER B 72 14.67 -16.43 -16.34
CA SER B 72 13.59 -15.46 -16.08
C SER B 72 13.52 -14.38 -17.15
N ARG B 73 12.37 -13.72 -17.27
CA ARG B 73 12.22 -12.61 -18.18
C ARG B 73 13.17 -11.53 -17.67
N PHE B 74 13.10 -11.25 -16.37
CA PHE B 74 13.98 -10.26 -15.71
C PHE B 74 15.45 -10.50 -16.06
N TYR B 75 15.89 -11.74 -15.87
CA TYR B 75 17.27 -12.19 -16.11
C TYR B 75 17.75 -11.88 -17.52
N GLY B 76 16.91 -12.20 -18.49
CA GLY B 76 17.16 -11.88 -19.90
C GLY B 76 17.48 -10.42 -20.11
N ASN B 77 16.74 -9.55 -19.44
CA ASN B 77 16.98 -8.11 -19.52
C ASN B 77 18.29 -7.70 -18.85
N GLU B 78 18.65 -8.36 -17.75
CA GLU B 78 19.92 -8.09 -17.08
C GLU B 78 21.12 -8.41 -17.98
N LEU B 79 21.01 -9.48 -18.76
CA LEU B 79 22.05 -9.81 -19.74
C LEU B 79 22.13 -8.74 -20.82
N LYS B 80 20.97 -8.42 -21.39
CA LYS B 80 20.84 -7.36 -22.40
C LYS B 80 21.43 -6.03 -21.92
N LYS B 81 21.33 -5.76 -20.63
CA LYS B 81 21.98 -4.61 -20.03
C LYS B 81 23.48 -4.79 -19.88
N GLU B 82 23.89 -5.95 -19.36
CA GLU B 82 25.31 -6.26 -19.18
C GLU B 82 26.07 -6.22 -20.51
N LYS B 83 25.41 -6.60 -21.61
CA LYS B 83 25.99 -6.44 -22.95
C LYS B 83 26.10 -4.98 -23.35
N GLN B 84 25.03 -4.20 -23.14
CA GLN B 84 25.09 -2.74 -23.38
C GLN B 84 26.18 -2.05 -22.53
N VAL B 85 26.47 -2.60 -21.34
CA VAL B 85 27.59 -2.12 -20.51
C VAL B 85 28.91 -2.48 -21.17
N ASN B 86 29.18 -3.78 -21.30
CA ASN B 86 30.43 -4.28 -21.88
C ASN B 86 30.82 -3.64 -23.21
N GLN B 87 29.82 -3.30 -24.02
CA GLN B 87 30.03 -2.55 -25.27
C GLN B 87 30.56 -1.16 -24.97
N ARG B 88 29.99 -0.50 -23.98
CA ARG B 88 30.43 0.83 -23.53
C ARG B 88 31.82 0.81 -22.88
N ILE B 89 32.22 -0.35 -22.35
CA ILE B 89 33.60 -0.58 -21.87
C ILE B 89 34.54 -0.66 -23.07
N GLU B 90 34.25 -1.62 -23.96
CA GLU B 90 35.09 -1.91 -25.14
C GLU B 90 35.34 -0.67 -26.00
N ASN B 91 34.34 0.20 -26.11
CA ASN B 91 34.48 1.48 -26.80
C ASN B 91 35.46 2.40 -26.12
N MET B 92 35.39 2.49 -24.80
CA MET B 92 36.34 3.27 -24.02
C MET B 92 37.77 2.77 -24.21
N MET B 93 37.94 1.45 -24.25
CA MET B 93 39.25 0.85 -24.52
C MET B 93 39.78 1.21 -25.93
N GLN B 94 38.92 1.08 -26.93
CA GLN B 94 39.25 1.49 -28.31
C GLN B 94 39.54 3.01 -28.42
N GLN B 95 38.99 3.80 -27.51
CA GLN B 95 39.35 5.23 -27.37
C GLN B 95 40.66 5.45 -26.61
N LYS B 96 40.96 4.60 -25.62
CA LYS B 96 42.25 4.67 -24.88
C LYS B 96 43.41 4.40 -25.80
N ALA B 97 43.32 3.28 -26.54
CA ALA B 97 44.33 2.87 -27.53
C ALA B 97 44.78 4.01 -28.48
N GLN B 98 43.83 4.84 -28.90
CA GLN B 98 44.13 5.97 -29.80
C GLN B 98 44.50 7.25 -29.03
N ILE B 99 45.13 7.14 -27.85
CA ILE B 99 45.69 8.30 -27.12
C ILE B 99 47.23 8.26 -27.18
N THR B 100 47.83 9.37 -27.62
CA THR B 100 49.30 9.48 -27.69
C THR B 100 49.88 9.86 -26.33
N SER B 101 51.19 9.63 -26.18
CA SER B 101 51.93 10.08 -25.00
C SER B 101 51.95 11.60 -24.90
N GLN B 102 51.94 12.28 -26.05
CA GLN B 102 51.87 13.76 -26.11
C GLN B 102 50.59 14.34 -25.50
N GLN B 103 49.44 13.73 -25.83
CA GLN B 103 48.14 14.16 -25.28
C GLN B 103 48.06 13.93 -23.77
N LEU B 104 48.45 12.71 -23.38
CA LEU B 104 48.57 12.31 -21.99
C LEU B 104 49.42 13.30 -21.17
N ARG B 105 50.53 13.74 -21.75
CA ARG B 105 51.38 14.79 -21.16
C ARG B 105 50.66 16.12 -21.06
N LYS B 106 50.08 16.58 -22.17
CA LYS B 106 49.35 17.85 -22.23
C LYS B 106 48.24 17.87 -21.18
N ALA B 107 47.59 16.72 -21.00
CA ALA B 107 46.57 16.52 -19.98
C ALA B 107 47.12 16.58 -18.56
N GLN B 108 48.16 15.78 -18.31
CA GLN B 108 48.80 15.71 -16.99
C GLN B 108 49.06 17.08 -16.36
N LEU B 109 49.53 18.03 -17.17
CA LEU B 109 49.81 19.40 -16.70
C LEU B 109 48.52 20.19 -16.45
N GLN B 110 47.53 19.99 -17.32
CA GLN B 110 46.21 20.60 -17.15
C GLN B 110 45.54 20.12 -15.85
N VAL B 111 45.53 18.81 -15.63
CA VAL B 111 44.98 18.22 -14.40
C VAL B 111 45.77 18.71 -13.19
N ASP B 112 47.10 18.58 -13.24
CA ASP B 112 47.93 18.99 -12.11
C ASP B 112 47.89 20.48 -11.80
N ARG B 113 47.56 21.32 -12.79
CA ARG B 113 47.29 22.73 -12.51
C ARG B 113 46.00 22.89 -11.72
N PHE B 114 45.00 22.08 -12.07
CA PHE B 114 43.70 22.06 -11.37
C PHE B 114 43.82 21.46 -9.96
N ALA B 115 44.48 20.31 -9.87
CA ALA B 115 44.74 19.64 -8.60
C ALA B 115 45.45 20.54 -7.59
N MET B 116 46.39 21.35 -8.07
CA MET B 116 47.11 22.31 -7.22
C MET B 116 46.20 23.46 -6.75
N GLU B 117 45.20 23.82 -7.55
CA GLU B 117 44.13 24.73 -7.12
C GLU B 117 43.26 24.11 -6.03
N LEU B 118 42.84 22.86 -6.22
CA LEU B 118 42.00 22.14 -5.26
C LEU B 118 42.68 21.91 -3.91
N GLU B 119 43.90 21.37 -3.97
CA GLU B 119 44.74 21.13 -2.79
C GLU B 119 44.98 22.42 -1.99
N GLN B 120 45.17 23.54 -2.69
CA GLN B 120 45.35 24.86 -2.07
C GLN B 120 44.06 25.36 -1.40
N SER B 121 42.90 25.00 -1.97
CA SER B 121 41.60 25.31 -1.37
C SER B 121 41.08 24.31 -0.30
N ARG B 122 41.80 23.22 -0.04
CA ARG B 122 41.42 22.22 0.98
C ARG B 122 41.08 22.87 2.32
N ASN B 123 40.10 22.30 3.03
CA ASN B 123 39.62 22.85 4.30
C ASN B 123 39.36 21.80 5.39
N LEU B 124 40.19 21.85 6.43
CA LEU B 124 40.09 20.87 7.52
C LEU B 124 39.47 21.45 8.79
N SER B 125 38.96 22.69 8.71
CA SER B 125 38.50 23.39 9.91
C SER B 125 37.08 23.04 10.36
N ASN B 126 36.31 22.34 9.52
CA ASN B 126 34.95 21.93 9.88
C ASN B 126 34.87 20.49 10.33
N THR B 127 33.94 20.23 11.25
CA THR B 127 33.70 18.88 11.76
C THR B 127 32.33 18.39 11.26
N ILE B 128 32.37 17.29 10.50
CA ILE B 128 31.20 16.74 9.84
C ILE B 128 30.90 15.33 10.37
N VAL B 129 29.62 15.13 10.71
CA VAL B 129 29.12 13.88 11.27
C VAL B 129 28.04 13.32 10.36
N HIS B 130 28.15 12.04 10.06
CA HIS B 130 27.12 11.35 9.31
C HIS B 130 26.57 10.28 10.21
N ILE B 131 25.25 10.31 10.41
CA ILE B 131 24.52 9.32 11.21
C ILE B 131 23.73 8.42 10.26
N ASP B 132 23.78 7.12 10.46
CA ASP B 132 23.02 6.17 9.64
C ASP B 132 22.50 5.11 10.60
N MET B 133 21.18 4.95 10.66
CA MET B 133 20.55 3.95 11.53
C MET B 133 20.87 2.54 11.04
N ASP B 134 20.97 1.63 11.99
CA ASP B 134 21.42 0.29 11.73
C ASP B 134 20.20 -0.55 11.46
N ALA B 135 20.26 -1.34 10.39
CA ALA B 135 19.14 -2.20 9.92
C ALA B 135 17.75 -1.59 10.16
N PHE B 136 17.64 -0.31 9.87
CA PHE B 136 16.56 0.55 10.35
C PHE B 136 15.17 -0.07 10.39
N TYR B 137 14.62 -0.47 9.25
CA TYR B 137 13.24 -0.99 9.23
C TYR B 137 13.18 -2.31 10.00
N ALA B 138 14.19 -3.14 9.82
CA ALA B 138 14.26 -4.41 10.54
C ALA B 138 14.32 -4.18 12.04
N ALA B 139 15.23 -3.30 12.46
CA ALA B 139 15.45 -2.99 13.87
C ALA B 139 14.19 -2.49 14.57
N VAL B 140 13.40 -1.69 13.87
CA VAL B 140 12.12 -1.23 14.39
C VAL B 140 11.17 -2.41 14.57
N GLU B 141 11.10 -3.29 13.58
CA GLU B 141 10.24 -4.47 13.70
C GLU B 141 10.73 -5.47 14.72
N MET B 142 12.05 -5.52 14.92
CA MET B 142 12.64 -6.35 15.98
C MET B 142 12.32 -5.76 17.35
N ARG B 143 12.49 -4.44 17.47
CA ARG B 143 12.20 -3.70 18.69
C ARG B 143 10.81 -4.00 19.23
N ASP B 144 9.80 -3.95 18.38
CA ASP B 144 8.40 -4.08 18.80
C ASP B 144 7.83 -5.49 18.62
N ASN B 145 8.73 -6.48 18.56
CA ASN B 145 8.36 -7.90 18.56
C ASN B 145 9.58 -8.69 19.02
N PRO B 146 9.70 -8.92 20.35
CA PRO B 146 10.82 -9.69 20.91
C PRO B 146 11.04 -11.06 20.26
N GLU B 147 9.95 -11.77 19.92
CA GLU B 147 10.02 -13.08 19.23
C GLU B 147 10.94 -13.11 17.99
N LEU B 148 11.17 -11.94 17.37
CA LEU B 148 12.08 -11.79 16.22
C LEU B 148 13.58 -11.52 16.56
N LYS B 149 13.92 -11.28 17.83
CA LYS B 149 15.25 -10.76 18.23
C LYS B 149 16.42 -11.64 17.83
N ASP B 150 16.48 -12.86 18.39
CA ASP B 150 17.46 -13.88 17.99
C ASP B 150 16.86 -14.73 16.85
N LYS B 151 16.89 -14.17 15.61
CA LYS B 151 16.27 -14.80 14.40
C LYS B 151 16.53 -13.96 13.12
N PRO B 152 16.56 -14.60 11.92
CA PRO B 152 16.72 -13.81 10.68
C PRO B 152 15.39 -13.26 10.16
N ILE B 153 15.39 -11.96 9.81
CA ILE B 153 14.20 -11.32 9.23
C ILE B 153 14.55 -10.39 8.07
N ALA B 154 13.52 -10.01 7.34
CA ALA B 154 13.60 -9.02 6.29
C ALA B 154 12.31 -8.21 6.25
N VAL B 155 12.45 -6.91 6.05
CA VAL B 155 11.29 -6.05 5.91
C VAL B 155 10.97 -5.96 4.42
N GLY B 156 9.72 -6.24 4.07
CA GLY B 156 9.27 -6.15 2.69
C GLY B 156 8.15 -7.11 2.39
N SER B 157 8.08 -7.49 1.13
CA SER B 157 7.10 -8.44 0.64
C SER B 157 7.83 -9.60 -0.02
N MET B 158 7.06 -10.56 -0.50
CA MET B 158 7.63 -11.62 -1.30
C MET B 158 8.17 -11.02 -2.62
N SER B 159 7.55 -9.94 -3.10
CA SER B 159 8.01 -9.26 -4.34
C SER B 159 9.33 -8.51 -4.18
N MET B 160 9.58 -7.94 -3.00
CA MET B 160 10.78 -7.11 -2.81
C MET B 160 11.02 -6.83 -1.32
N LEU B 161 12.29 -6.64 -0.97
CA LEU B 161 12.70 -6.41 0.39
C LEU B 161 13.37 -5.06 0.48
N SER B 162 12.97 -4.29 1.50
CA SER B 162 13.57 -2.99 1.80
C SER B 162 14.93 -3.16 2.47
N THR B 163 15.00 -4.03 3.48
CA THR B 163 16.26 -4.31 4.20
C THR B 163 16.22 -5.71 4.81
N SER B 164 17.22 -6.01 5.63
CA SER B 164 17.31 -7.26 6.36
C SER B 164 18.27 -7.09 7.54
N ASN B 165 17.95 -7.74 8.67
CA ASN B 165 18.82 -7.65 9.85
C ASN B 165 20.08 -8.47 9.64
N TYR B 166 21.08 -8.21 10.47
CA TYR B 166 22.41 -8.79 10.27
C TYR B 166 22.47 -10.32 10.37
N HIS B 167 21.49 -10.90 11.04
CA HIS B 167 21.35 -12.35 11.11
C HIS B 167 21.05 -12.88 9.72
N ALA B 168 20.12 -12.21 9.04
CA ALA B 168 19.72 -12.58 7.68
C ALA B 168 20.78 -12.21 6.63
N ARG B 169 21.56 -11.19 6.91
CA ARG B 169 22.62 -10.78 6.00
C ARG B 169 23.59 -11.94 5.83
N ARG B 170 23.98 -12.55 6.95
CA ARG B 170 24.89 -13.70 6.93
C ARG B 170 24.48 -14.81 5.93
N PHE B 171 23.20 -14.86 5.53
CA PHE B 171 22.75 -15.76 4.45
C PHE B 171 22.75 -15.15 3.04
N GLY B 172 23.09 -13.87 2.93
CA GLY B 172 23.19 -13.16 1.65
C GLY B 172 21.99 -12.32 1.25
N VAL B 173 20.98 -12.23 2.12
CA VAL B 173 19.74 -11.51 1.78
C VAL B 173 20.01 -10.04 2.10
N ARG B 174 19.67 -9.15 1.17
CA ARG B 174 19.89 -7.73 1.38
C ARG B 174 18.86 -6.86 0.68
N ALA B 175 19.03 -5.55 0.84
CA ALA B 175 18.12 -4.58 0.23
C ALA B 175 18.04 -4.70 -1.28
N ALA B 176 16.87 -4.35 -1.80
CA ALA B 176 16.56 -4.44 -3.23
C ALA B 176 16.67 -5.85 -3.80
N MET B 177 16.57 -6.87 -2.94
CA MET B 177 16.45 -8.27 -3.38
C MET B 177 14.98 -8.70 -3.26
N PRO B 178 14.44 -9.38 -4.29
CA PRO B 178 13.08 -9.92 -4.12
C PRO B 178 12.98 -10.97 -3.01
N GLY B 179 11.84 -10.98 -2.31
CA GLY B 179 11.61 -11.85 -1.17
C GLY B 179 11.72 -13.33 -1.50
N PHE B 180 11.09 -13.76 -2.60
CA PHE B 180 11.14 -15.16 -3.01
C PHE B 180 12.57 -15.72 -3.17
N ILE B 181 13.54 -14.85 -3.49
CA ILE B 181 14.92 -15.27 -3.75
C ILE B 181 15.55 -15.38 -2.38
N ALA B 182 15.24 -14.43 -1.51
CA ALA B 182 15.74 -14.46 -0.14
C ALA B 182 15.25 -15.70 0.61
N LYS B 183 14.06 -16.19 0.30
CA LYS B 183 13.54 -17.43 0.89
C LYS B 183 14.30 -18.70 0.41
N ARG B 184 14.97 -18.56 -0.73
CA ARG B 184 15.80 -19.62 -1.27
C ARG B 184 17.09 -19.56 -0.45
N LEU B 185 17.63 -18.34 -0.30
CA LEU B 185 18.84 -18.13 0.51
C LEU B 185 18.64 -18.40 2.01
N CYS B 186 17.40 -18.48 2.46
CA CYS B 186 17.09 -18.78 3.86
C CYS B 186 15.60 -19.04 4.00
N PRO B 187 15.17 -20.32 3.95
CA PRO B 187 13.75 -20.62 4.17
C PRO B 187 13.29 -20.28 5.58
N GLN B 188 14.22 -20.31 6.53
CA GLN B 188 13.98 -19.86 7.91
C GLN B 188 13.71 -18.35 8.04
N LEU B 189 13.62 -17.62 6.92
CA LEU B 189 13.46 -16.16 6.92
C LEU B 189 12.02 -15.72 7.14
N ILE B 190 11.87 -14.83 8.12
CA ILE B 190 10.61 -14.18 8.41
C ILE B 190 10.60 -12.85 7.65
N ILE B 191 9.65 -12.69 6.74
CA ILE B 191 9.42 -11.42 6.05
C ILE B 191 8.30 -10.70 6.79
N VAL B 192 8.58 -9.48 7.30
CA VAL B 192 7.52 -8.60 7.89
C VAL B 192 7.16 -7.39 7.00
N PRO B 193 5.87 -7.25 6.66
CA PRO B 193 5.46 -6.11 5.88
C PRO B 193 5.91 -4.77 6.47
N PRO B 194 6.22 -3.77 5.61
CA PRO B 194 6.70 -2.50 6.10
C PRO B 194 5.59 -1.64 6.69
N ASN B 195 5.91 -0.98 7.81
CA ASN B 195 5.03 -0.04 8.47
C ASN B 195 5.67 1.32 8.37
N PHE B 196 5.60 1.90 7.18
CA PHE B 196 6.29 3.17 6.86
C PHE B 196 5.98 4.33 7.83
N ASP B 197 4.77 4.33 8.40
CA ASP B 197 4.36 5.39 9.32
C ASP B 197 5.14 5.35 10.64
N LYS B 198 5.39 4.14 11.15
CA LYS B 198 6.27 3.97 12.29
C LYS B 198 7.67 4.48 11.99
N TYR B 199 8.18 4.13 10.80
CA TYR B 199 9.55 4.50 10.44
C TYR B 199 9.67 6.01 10.29
N ARG B 200 8.64 6.65 9.77
CA ARG B 200 8.59 8.12 9.72
C ARG B 200 8.56 8.74 11.13
N ALA B 201 7.83 8.11 12.04
CA ALA B 201 7.73 8.59 13.43
C ALA B 201 9.03 8.44 14.21
N VAL B 202 9.72 7.32 13.99
CA VAL B 202 11.03 7.09 14.60
C VAL B 202 11.97 8.16 14.07
N SER B 203 12.02 8.31 12.75
CA SER B 203 12.86 9.34 12.14
C SER B 203 12.62 10.70 12.80
N LYS B 204 11.36 11.04 13.04
CA LYS B 204 11.03 12.29 13.71
C LYS B 204 11.66 12.36 15.10
N GLU B 205 11.66 11.24 15.82
CA GLU B 205 12.31 11.18 17.13
C GLU B 205 13.83 11.41 17.09
N VAL B 206 14.51 10.96 16.04
CA VAL B 206 15.97 11.13 15.98
C VAL B 206 16.33 12.51 15.46
N LYS B 207 15.58 13.02 14.48
CA LYS B 207 15.81 14.37 13.97
C LYS B 207 15.64 15.46 15.05
N GLU B 208 14.86 15.16 16.09
CA GLU B 208 14.74 16.03 17.28
C GLU B 208 16.06 16.13 18.04
N ILE B 209 16.67 14.98 18.31
CA ILE B 209 18.01 14.90 18.90
C ILE B 209 19.00 15.72 18.05
N LEU B 210 19.13 15.34 16.78
CA LEU B 210 20.11 15.92 15.86
C LEU B 210 20.00 17.44 15.72
N ALA B 211 18.81 17.98 15.88
CA ALA B 211 18.59 19.41 15.89
C ALA B 211 19.43 20.16 16.94
N ASP B 212 19.65 19.54 18.12
CA ASP B 212 20.47 20.14 19.21
C ASP B 212 21.89 20.48 18.79
N TYR B 213 22.48 19.63 17.97
CA TYR B 213 23.90 19.72 17.65
C TYR B 213 24.10 20.53 16.38
N ASP B 214 23.24 20.33 15.40
CA ASP B 214 23.18 21.21 14.25
C ASP B 214 21.71 21.44 13.99
N PRO B 215 21.24 22.68 14.16
CA PRO B 215 19.87 22.98 13.72
C PRO B 215 19.76 23.06 12.19
N ASN B 216 20.82 23.48 11.51
CA ASN B 216 20.87 23.41 10.04
C ASN B 216 21.44 22.10 9.50
N PHE B 217 21.21 21.00 10.22
CA PHE B 217 21.49 19.65 9.73
C PHE B 217 20.61 19.34 8.52
N MET B 218 21.08 18.46 7.65
CA MET B 218 20.31 17.99 6.50
C MET B 218 20.13 16.47 6.62
N ALA B 219 18.92 15.99 6.34
CA ALA B 219 18.60 14.56 6.37
C ALA B 219 18.53 14.01 4.95
N MET B 220 19.23 12.91 4.70
CA MET B 220 19.25 12.27 3.38
C MET B 220 18.10 11.29 3.18
N SER B 221 17.62 10.70 4.26
CA SER B 221 16.41 9.88 4.21
C SER B 221 15.84 9.87 5.62
N LEU B 222 15.08 8.83 5.95
CA LEU B 222 14.61 8.66 7.31
C LEU B 222 15.77 8.26 8.24
N ASP B 223 16.57 7.30 7.79
CA ASP B 223 17.65 6.69 8.60
C ASP B 223 18.97 7.49 8.64
N GLU B 224 19.07 8.50 7.78
CA GLU B 224 20.34 9.07 7.38
C GLU B 224 20.34 10.61 7.53
N ALA B 225 21.50 11.16 7.90
CA ALA B 225 21.65 12.62 8.05
C ALA B 225 23.10 13.07 8.23
N TYR B 226 23.49 14.12 7.51
CA TYR B 226 24.76 14.83 7.76
C TYR B 226 24.55 15.94 8.80
N LEU B 227 25.56 16.16 9.66
CA LEU B 227 25.58 17.27 10.63
C LEU B 227 26.89 18.04 10.60
N ASN B 228 26.78 19.36 10.73
CA ASN B 228 27.92 20.24 10.95
C ASN B 228 27.98 20.64 12.42
N ILE B 229 28.89 20.00 13.16
CA ILE B 229 29.01 20.22 14.60
C ILE B 229 30.15 21.17 14.98
N THR B 230 30.57 22.03 14.05
CA THR B 230 31.65 22.98 14.30
C THR B 230 31.17 24.06 15.29
N LYS B 231 30.04 24.68 14.98
CA LYS B 231 29.44 25.72 15.86
C LYS B 231 29.09 25.20 17.27
N HIS B 232 28.76 23.92 17.38
CA HIS B 232 28.43 23.29 18.66
C HIS B 232 29.69 22.91 19.42
N LEU B 233 30.67 22.30 18.74
CA LEU B 233 31.95 21.94 19.39
C LEU B 233 32.66 23.16 20.00
N GLU B 234 32.57 24.30 19.29
CA GLU B 234 33.09 25.59 19.77
C GLU B 234 32.42 26.01 21.08
N GLU B 235 31.09 26.03 21.09
CA GLU B 235 30.30 26.32 22.30
C GLU B 235 30.54 25.29 23.42
N ARG B 236 30.69 24.02 23.05
CA ARG B 236 30.83 22.92 24.01
C ARG B 236 32.12 22.91 24.80
N GLN B 237 33.18 23.52 24.28
CA GLN B 237 34.47 23.50 24.99
C GLN B 237 34.38 24.03 26.42
N ASN B 238 33.59 25.09 26.58
CA ASN B 238 33.43 25.79 27.84
C ASN B 238 32.03 25.58 28.46
N TRP B 239 31.59 24.31 28.48
CA TRP B 239 30.28 23.90 29.05
C TRP B 239 30.54 23.16 30.37
N PRO B 240 29.74 23.44 31.44
CA PRO B 240 29.82 22.61 32.67
C PRO B 240 29.31 21.16 32.45
N GLU B 241 29.65 20.24 33.36
CA GLU B 241 29.19 18.84 33.26
C GLU B 241 27.68 18.64 33.36
N ASP B 242 26.96 19.57 34.01
CA ASP B 242 25.48 19.55 34.10
C ASP B 242 24.79 19.60 32.71
N LYS B 243 25.27 20.51 31.83
CA LYS B 243 24.73 20.67 30.47
C LYS B 243 24.99 19.49 29.52
N ARG B 244 25.92 18.60 29.89
CA ARG B 244 26.19 17.38 29.10
C ARG B 244 26.22 16.14 29.98
N ARG B 245 25.17 16.00 30.79
CA ARG B 245 24.90 14.80 31.58
C ARG B 245 23.56 14.22 31.12
N TYR B 246 23.49 12.89 30.99
CA TYR B 246 22.26 12.20 30.56
C TYR B 246 22.03 10.95 31.42
N PHE B 247 20.82 10.85 31.97
CA PHE B 247 20.45 9.81 32.93
C PHE B 247 20.07 8.51 32.16
N ILE B 248 20.38 7.35 32.74
CA ILE B 248 20.15 6.04 32.08
C ILE B 248 18.69 5.59 32.23
N LYS B 249 18.09 5.07 31.15
CA LYS B 249 16.70 4.59 31.14
C LYS B 249 16.69 3.06 31.13
N ASN B 307 21.54 6.60 38.89
CA ASN B 307 22.23 6.35 37.63
C ASN B 307 22.23 7.59 36.71
N SER B 308 23.43 7.99 36.28
CA SER B 308 23.63 9.17 35.42
C SER B 308 24.99 9.06 34.72
N VAL B 309 25.11 9.64 33.52
CA VAL B 309 26.40 9.62 32.75
C VAL B 309 26.66 10.96 32.03
N VAL B 310 27.94 11.39 32.03
CA VAL B 310 28.40 12.64 31.39
C VAL B 310 29.42 12.33 30.32
N PHE B 311 29.37 13.08 29.23
CA PHE B 311 30.17 12.81 28.02
C PHE B 311 31.12 13.98 27.77
N GLY B 312 32.24 13.69 27.11
CA GLY B 312 33.31 14.65 26.96
C GLY B 312 33.08 15.81 26.01
N THR B 313 34.12 16.62 25.84
CA THR B 313 34.08 17.85 25.03
C THR B 313 34.63 17.66 23.59
N SER B 314 35.07 16.43 23.28
CA SER B 314 35.66 16.08 21.99
C SER B 314 34.61 15.64 20.96
N ALA B 315 34.98 15.69 19.68
CA ALA B 315 34.13 15.28 18.58
C ALA B 315 33.67 13.84 18.72
N GLN B 316 34.62 12.94 18.98
CA GLN B 316 34.31 11.54 19.32
C GLN B 316 33.26 11.38 20.42
N GLU B 317 33.33 12.23 21.44
CA GLU B 317 32.37 12.21 22.55
C GLU B 317 31.00 12.79 22.16
N VAL B 318 30.99 13.95 21.47
CA VAL B 318 29.73 14.56 21.03
C VAL B 318 28.90 13.52 20.28
N VAL B 319 29.55 12.78 19.39
CA VAL B 319 28.88 11.74 18.60
C VAL B 319 28.46 10.55 19.49
N LYS B 320 29.30 10.15 20.44
CA LYS B 320 28.90 9.13 21.43
C LYS B 320 27.63 9.55 22.17
N GLU B 321 27.48 10.86 22.40
CA GLU B 321 26.25 11.46 22.97
C GLU B 321 25.03 11.25 22.11
N ILE B 322 25.16 11.67 20.87
CA ILE B 322 24.11 11.52 19.89
C ILE B 322 23.67 10.05 19.78
N ARG B 323 24.64 9.14 19.65
CA ARG B 323 24.34 7.72 19.56
C ARG B 323 23.75 7.13 20.84
N PHE B 324 24.17 7.65 22.00
CA PHE B 324 23.57 7.26 23.27
C PHE B 324 22.10 7.67 23.32
N ARG B 325 21.86 8.99 23.21
CA ARG B 325 20.51 9.60 23.30
C ARG B 325 19.48 8.96 22.35
N ILE B 326 19.93 8.64 21.14
CA ILE B 326 19.13 7.88 20.20
C ILE B 326 18.73 6.51 20.77
N GLU B 327 19.70 5.75 21.30
CA GLU B 327 19.41 4.43 21.86
C GLU B 327 18.48 4.53 23.07
N GLN B 328 18.60 5.60 23.86
CA GLN B 328 17.68 5.82 24.99
C GLN B 328 16.28 6.04 24.46
N LYS B 329 16.14 7.08 23.63
CA LYS B 329 14.86 7.57 23.12
C LYS B 329 14.09 6.56 22.23
N THR B 330 14.79 5.81 21.39
CA THR B 330 14.15 4.90 20.42
C THR B 330 14.42 3.41 20.66
N THR B 331 15.28 3.07 21.61
CA THR B 331 15.78 1.68 21.78
C THR B 331 16.27 1.07 20.45
N LEU B 332 17.03 1.87 19.71
CA LEU B 332 17.64 1.48 18.43
C LEU B 332 19.07 2.05 18.32
N THR B 333 19.93 1.30 17.62
CA THR B 333 21.33 1.68 17.47
C THR B 333 21.50 2.41 16.15
N ALA B 334 22.50 3.28 16.13
CA ALA B 334 22.95 3.95 14.92
C ALA B 334 24.47 3.89 14.85
N SER B 335 25.02 3.99 13.64
CA SER B 335 26.45 4.18 13.43
C SER B 335 26.72 5.62 13.00
N ALA B 336 27.98 6.03 13.11
CA ALA B 336 28.35 7.39 12.72
C ALA B 336 29.73 7.50 12.12
N GLY B 337 29.91 8.55 11.33
CA GLY B 337 31.21 8.91 10.79
C GLY B 337 31.58 10.33 11.17
N ILE B 338 32.84 10.56 11.50
CA ILE B 338 33.35 11.91 11.81
C ILE B 338 34.54 12.21 10.91
N ALA B 339 34.46 13.33 10.20
CA ALA B 339 35.50 13.69 9.22
C ALA B 339 35.38 15.16 8.85
N PRO B 340 36.42 15.71 8.19
CA PRO B 340 36.36 17.14 7.85
C PRO B 340 35.46 17.55 6.68
N ASN B 341 34.98 16.57 5.89
CA ASN B 341 34.00 16.80 4.80
C ASN B 341 32.98 15.66 4.66
N THR B 342 31.87 15.97 3.98
CA THR B 342 30.70 15.08 3.90
C THR B 342 31.03 13.72 3.28
N MET B 343 31.63 13.77 2.09
CA MET B 343 32.04 12.58 1.34
C MET B 343 32.79 11.59 2.25
N LEU B 344 33.74 12.12 3.02
CA LEU B 344 34.55 11.30 3.92
C LEU B 344 33.75 10.73 5.07
N ALA B 345 33.00 11.61 5.74
CA ALA B 345 32.15 11.22 6.87
C ALA B 345 31.26 10.03 6.51
N LYS B 346 30.60 10.17 5.35
CA LYS B 346 29.75 9.15 4.73
C LYS B 346 30.43 7.77 4.54
N VAL B 347 31.72 7.76 4.23
CA VAL B 347 32.45 6.52 4.04
C VAL B 347 32.72 5.81 5.37
N CYS B 348 33.26 6.56 6.33
CA CYS B 348 33.64 5.99 7.64
C CYS B 348 32.43 5.69 8.52
N SER B 349 31.31 6.35 8.23
CA SER B 349 30.03 5.98 8.82
C SER B 349 29.71 4.47 8.69
N ASP B 350 30.06 3.91 7.54
CA ASP B 350 29.84 2.49 7.23
C ASP B 350 30.96 1.55 7.74
N LYS B 351 32.07 2.11 8.23
CA LYS B 351 33.27 1.34 8.56
C LYS B 351 33.06 0.45 9.79
N ASN B 352 32.69 1.08 10.91
CA ASN B 352 32.45 0.39 12.19
C ASN B 352 30.96 0.12 12.45
N LYS B 353 30.24 -0.16 11.37
CA LYS B 353 28.81 -0.44 11.43
C LYS B 353 28.64 -1.93 11.71
N PRO B 354 27.71 -2.35 12.58
CA PRO B 354 26.77 -1.49 13.29
C PRO B 354 27.29 -0.95 14.62
N ASN B 355 26.55 -0.01 15.18
CA ASN B 355 26.73 0.49 16.55
C ASN B 355 28.16 0.95 16.85
N GLY B 356 28.76 1.68 15.92
CA GLY B 356 30.14 2.15 16.05
C GLY B 356 30.46 3.38 15.25
N GLN B 357 31.48 4.09 15.71
CA GLN B 357 31.93 5.34 15.11
C GLN B 357 33.26 5.15 14.40
N TYR B 358 33.67 6.21 13.71
CA TYR B 358 35.04 6.34 13.25
C TYR B 358 35.32 7.79 12.94
N GLN B 359 36.50 8.26 13.36
CA GLN B 359 36.94 9.62 13.05
C GLN B 359 38.15 9.60 12.13
N ILE B 360 38.11 10.46 11.13
CA ILE B 360 39.28 10.88 10.42
C ILE B 360 39.61 12.20 11.07
N LEU B 361 40.77 12.24 11.75
CA LEU B 361 41.21 13.45 12.45
C LEU B 361 41.49 14.59 11.44
N PRO B 362 41.24 15.86 11.83
CA PRO B 362 41.42 16.97 10.87
C PRO B 362 42.91 17.36 10.65
N ASN B 363 43.61 16.52 9.89
CA ASN B 363 45.00 16.75 9.46
C ASN B 363 45.24 16.06 8.12
N ARG B 364 46.01 16.70 7.25
CA ARG B 364 46.14 16.21 5.87
C ARG B 364 46.64 14.77 5.78
N GLN B 365 47.57 14.40 6.65
CA GLN B 365 48.13 13.05 6.65
C GLN B 365 47.10 11.97 6.92
N ALA B 366 46.33 12.13 7.99
CA ALA B 366 45.33 11.13 8.41
C ALA B 366 44.27 10.85 7.32
N VAL B 367 43.83 11.94 6.67
CA VAL B 367 42.95 11.89 5.48
C VAL B 367 43.55 10.90 4.48
N MET B 368 44.77 11.23 4.06
CA MET B 368 45.47 10.49 3.01
C MET B 368 45.83 9.07 3.40
N ASP B 369 46.05 8.84 4.68
CA ASP B 369 46.28 7.49 5.19
C ASP B 369 45.08 6.60 4.91
N PHE B 370 43.89 7.13 5.11
CA PHE B 370 42.64 6.37 4.89
C PHE B 370 42.34 6.18 3.41
N ILE B 371 42.29 7.29 2.67
CA ILE B 371 42.09 7.28 1.23
C ILE B 371 42.95 6.19 0.58
N LYS B 372 44.27 6.31 0.78
CA LYS B 372 45.29 5.42 0.21
C LYS B 372 44.77 4.13 -0.42
N ASP B 373 44.17 3.27 0.40
CA ASP B 373 43.75 1.91 -0.01
C ASP B 373 42.22 1.71 -0.05
N LEU B 374 41.48 2.82 -0.02
CA LEU B 374 40.02 2.78 -0.01
C LEU B 374 39.48 2.43 -1.38
N PRO B 375 38.71 1.32 -1.50
CA PRO B 375 38.12 1.02 -2.81
C PRO B 375 37.19 2.12 -3.29
N ILE B 376 37.22 2.41 -4.59
CA ILE B 376 36.31 3.39 -5.18
C ILE B 376 34.84 3.03 -4.97
N ARG B 377 34.51 1.74 -4.95
CA ARG B 377 33.13 1.29 -4.73
C ARG B 377 32.52 1.75 -3.39
N LYS B 378 33.35 1.90 -2.37
CA LYS B 378 32.89 2.35 -1.06
C LYS B 378 32.56 3.84 -1.00
N VAL B 379 32.72 4.56 -2.11
CA VAL B 379 32.37 5.97 -2.13
C VAL B 379 30.94 6.15 -2.63
N SER B 380 30.24 7.13 -2.05
CA SER B 380 28.88 7.47 -2.49
C SER B 380 28.97 8.22 -3.79
N GLY B 381 28.37 7.65 -4.85
CA GLY B 381 28.45 8.18 -6.21
C GLY B 381 29.02 7.18 -7.22
N ILE B 382 29.96 6.36 -6.77
CA ILE B 382 30.58 5.32 -7.61
C ILE B 382 29.76 4.05 -7.41
N GLY B 383 28.90 3.73 -8.37
CA GLY B 383 28.09 2.52 -8.34
C GLY B 383 28.70 1.38 -9.14
N LYS B 384 27.88 0.37 -9.41
CA LYS B 384 28.34 -0.89 -9.96
C LYS B 384 28.96 -0.70 -11.32
N VAL B 385 28.31 0.10 -12.15
CA VAL B 385 28.77 0.32 -13.51
C VAL B 385 30.10 1.07 -13.51
N THR B 386 30.13 2.20 -12.82
CA THR B 386 31.34 3.00 -12.75
C THR B 386 32.49 2.20 -12.11
N GLU B 387 32.19 1.35 -11.12
CA GLU B 387 33.22 0.45 -10.57
C GLU B 387 33.84 -0.38 -11.68
N LYS B 388 32.98 -1.03 -12.48
CA LYS B 388 33.41 -1.90 -13.60
C LYS B 388 34.16 -1.17 -14.71
N MET B 389 33.79 0.07 -14.99
CA MET B 389 34.50 0.88 -16.00
C MET B 389 35.89 1.29 -15.51
N LEU B 390 35.97 1.74 -14.26
CA LEU B 390 37.26 2.11 -13.70
C LEU B 390 38.11 0.88 -13.43
N LYS B 391 37.48 -0.24 -13.06
CA LYS B 391 38.20 -1.51 -12.92
C LYS B 391 38.87 -1.92 -14.23
N ALA B 392 38.22 -1.64 -15.36
CA ALA B 392 38.79 -1.90 -16.69
C ALA B 392 40.03 -1.08 -17.05
N LEU B 393 40.33 -0.04 -16.28
CA LEU B 393 41.59 0.70 -16.39
C LEU B 393 42.56 0.36 -15.25
N GLY B 394 42.34 -0.78 -14.58
CA GLY B 394 43.10 -1.16 -13.40
C GLY B 394 42.90 -0.29 -12.17
N ILE B 395 41.82 0.49 -12.13
CA ILE B 395 41.53 1.37 -11.00
C ILE B 395 40.54 0.66 -10.08
N ILE B 396 41.02 0.31 -8.90
CA ILE B 396 40.20 -0.25 -7.83
C ILE B 396 40.20 0.63 -6.57
N THR B 397 41.36 1.22 -6.23
CA THR B 397 41.49 2.10 -5.05
C THR B 397 41.55 3.61 -5.41
N CYS B 398 41.52 4.44 -4.38
CA CYS B 398 41.49 5.90 -4.56
C CYS B 398 42.84 6.55 -4.88
N THR B 399 43.95 5.84 -4.65
CA THR B 399 45.27 6.29 -5.11
C THR B 399 45.49 5.94 -6.57
N GLU B 400 44.99 4.78 -6.98
CA GLU B 400 45.00 4.39 -8.39
C GLU B 400 44.20 5.41 -9.21
N LEU B 401 43.07 5.85 -8.67
CA LEU B 401 42.28 6.94 -9.26
C LEU B 401 43.10 8.24 -9.43
N TYR B 402 43.95 8.55 -8.46
CA TYR B 402 44.85 9.70 -8.55
C TYR B 402 45.89 9.50 -9.66
N GLN B 403 46.55 8.36 -9.63
CA GLN B 403 47.61 8.06 -10.58
C GLN B 403 47.16 8.27 -12.02
N GLN B 404 45.98 7.77 -12.35
CA GLN B 404 45.49 7.78 -13.72
C GLN B 404 44.75 9.07 -14.08
N ARG B 405 44.77 10.08 -13.20
CA ARG B 405 43.98 11.32 -13.37
C ARG B 405 44.07 12.00 -14.74
N ALA B 406 45.22 11.86 -15.41
CA ALA B 406 45.41 12.40 -16.76
C ALA B 406 44.65 11.58 -17.77
N LEU B 407 44.88 10.28 -17.74
CA LEU B 407 44.10 9.33 -18.56
C LEU B 407 42.59 9.56 -18.41
N LEU B 408 42.15 9.78 -17.15
CA LEU B 408 40.74 10.05 -16.84
C LEU B 408 40.20 11.40 -17.34
N SER B 409 41.07 12.38 -17.53
CA SER B 409 40.63 13.68 -18.07
C SER B 409 40.33 13.59 -19.55
N LEU B 410 40.87 12.57 -20.23
CA LEU B 410 40.65 12.36 -21.68
C LEU B 410 39.53 11.36 -22.01
N LEU B 411 39.35 10.34 -21.18
CA LEU B 411 38.27 9.35 -21.36
C LEU B 411 36.89 9.79 -20.85
N PHE B 412 36.86 10.46 -19.70
CA PHE B 412 35.62 10.94 -19.09
C PHE B 412 35.38 12.45 -19.24
N SER B 413 34.14 12.84 -19.06
CA SER B 413 33.70 14.22 -19.25
C SER B 413 34.18 15.08 -18.10
N GLU B 414 34.11 16.40 -18.33
CA GLU B 414 34.64 17.39 -17.39
C GLU B 414 34.11 17.16 -15.96
N THR B 415 32.79 17.10 -15.85
CA THR B 415 32.14 16.93 -14.55
C THR B 415 32.48 15.61 -13.90
N SER B 416 32.70 14.56 -14.69
CA SER B 416 33.06 13.25 -14.13
C SER B 416 34.47 13.17 -13.57
N TRP B 417 35.48 13.68 -14.28
CA TRP B 417 36.87 13.60 -13.80
C TRP B 417 37.17 14.64 -12.71
N HIS B 418 36.54 15.82 -12.80
CA HIS B 418 36.51 16.80 -11.70
C HIS B 418 36.08 16.13 -10.40
N TYR B 419 34.93 15.47 -10.48
CA TYR B 419 34.44 14.69 -9.36
C TYR B 419 35.46 13.62 -8.95
N PHE B 420 35.93 12.80 -9.90
CA PHE B 420 36.92 11.75 -9.58
C PHE B 420 38.16 12.30 -8.90
N LEU B 421 38.57 13.51 -9.25
CA LEU B 421 39.75 14.12 -8.66
C LEU B 421 39.51 14.55 -7.23
N HIS B 422 38.37 15.21 -6.97
CA HIS B 422 37.94 15.52 -5.59
C HIS B 422 38.04 14.27 -4.71
N ILE B 423 37.62 13.13 -5.25
CA ILE B 423 37.64 11.84 -4.56
C ILE B 423 39.07 11.33 -4.35
N SER B 424 39.91 11.50 -5.37
CA SER B 424 41.32 11.08 -5.33
C SER B 424 42.07 11.74 -4.20
N LEU B 425 41.86 13.05 -4.06
CA LEU B 425 42.50 13.86 -3.03
C LEU B 425 41.76 13.90 -1.67
N GLY B 426 40.71 13.11 -1.51
CA GLY B 426 39.93 13.09 -0.27
C GLY B 426 39.20 14.38 0.07
N LEU B 427 38.86 15.17 -0.95
CA LEU B 427 38.09 16.40 -0.75
C LEU B 427 36.59 16.11 -0.77
N GLY B 428 35.82 17.13 -0.44
CA GLY B 428 34.37 17.05 -0.47
C GLY B 428 33.71 18.32 0.03
N SER B 429 32.42 18.22 0.32
CA SER B 429 31.64 19.36 0.82
C SER B 429 31.88 19.51 2.33
N THR B 430 32.10 20.76 2.76
CA THR B 430 32.35 21.09 4.16
C THR B 430 31.27 21.96 4.82
N HIS B 431 30.37 22.56 4.03
CA HIS B 431 29.16 23.20 4.57
C HIS B 431 27.94 22.53 3.95
N LEU B 432 26.89 22.36 4.75
CA LEU B 432 25.69 21.66 4.30
C LEU B 432 24.75 22.69 3.67
N THR B 433 24.68 22.70 2.34
CA THR B 433 23.84 23.66 1.61
C THR B 433 22.38 23.25 1.80
N ARG B 434 21.56 24.20 2.28
CA ARG B 434 20.16 23.93 2.65
C ARG B 434 19.39 23.25 1.50
N ASP B 435 18.45 22.37 1.85
CA ASP B 435 17.67 21.61 0.84
C ASP B 435 16.91 22.58 -0.06
N GLY B 436 17.34 22.66 -1.32
CA GLY B 436 16.71 23.52 -2.33
C GLY B 436 15.33 23.03 -2.73
N GLU B 437 14.64 23.83 -3.55
CA GLU B 437 13.26 23.53 -3.97
C GLU B 437 13.28 22.37 -4.98
N ARG B 438 12.24 21.53 -4.93
CA ARG B 438 12.21 20.31 -5.76
C ARG B 438 12.13 20.63 -7.23
N LYS B 439 12.69 19.76 -8.06
CA LYS B 439 12.70 19.93 -9.52
C LYS B 439 11.79 18.96 -10.29
N SER B 440 11.29 17.90 -9.62
CA SER B 440 10.26 17.01 -10.19
C SER B 440 9.37 16.40 -9.10
N MET B 441 8.26 15.81 -9.54
CA MET B 441 7.43 14.98 -8.67
C MET B 441 6.81 13.88 -9.51
N SER B 442 6.72 12.68 -8.95
CA SER B 442 6.36 11.49 -9.74
C SER B 442 5.58 10.41 -8.98
N VAL B 443 5.01 9.50 -9.75
CA VAL B 443 4.36 8.33 -9.19
C VAL B 443 4.44 7.23 -10.24
N GLU B 444 4.76 6.03 -9.80
CA GLU B 444 4.76 4.83 -10.66
C GLU B 444 4.31 3.63 -9.87
N ARG B 445 3.79 2.63 -10.57
CA ARG B 445 3.25 1.47 -9.92
C ARG B 445 3.44 0.22 -10.77
N THR B 446 3.79 -0.90 -10.11
CA THR B 446 3.89 -2.19 -10.74
C THR B 446 2.58 -2.94 -10.54
N PHE B 447 2.28 -3.83 -11.49
CA PHE B 447 1.12 -4.71 -11.43
C PHE B 447 1.30 -5.93 -12.33
N SER B 448 0.46 -6.94 -12.10
CA SER B 448 0.37 -8.07 -13.04
C SER B 448 -0.01 -7.50 -14.38
N GLU B 449 0.30 -8.23 -15.45
CA GLU B 449 0.20 -7.70 -16.80
C GLU B 449 -1.09 -6.97 -17.13
N ILE B 450 -0.95 -5.84 -17.83
CA ILE B 450 -2.08 -5.11 -18.39
C ILE B 450 -1.85 -4.93 -19.89
N ASN B 451 -2.77 -5.48 -20.68
CA ASN B 451 -2.74 -5.39 -22.15
C ASN B 451 -3.98 -4.75 -22.79
N LYS B 452 -5.13 -4.84 -22.12
CA LYS B 452 -6.33 -4.15 -22.60
C LYS B 452 -6.14 -2.63 -22.49
N ALA B 453 -6.13 -1.96 -23.64
CA ALA B 453 -5.77 -0.54 -23.73
C ALA B 453 -6.63 0.41 -22.88
N GLU B 454 -7.93 0.17 -22.83
CA GLU B 454 -8.83 0.98 -22.01
C GLU B 454 -8.45 0.96 -20.53
N GLU B 455 -7.99 -0.20 -20.05
CA GLU B 455 -7.50 -0.33 -18.69
C GLU B 455 -6.21 0.48 -18.50
N GLN B 456 -5.36 0.47 -19.52
CA GLN B 456 -4.10 1.22 -19.49
C GLN B 456 -4.34 2.71 -19.43
N TYR B 457 -5.37 3.20 -20.13
CA TYR B 457 -5.78 4.59 -19.99
C TYR B 457 -6.25 4.83 -18.57
N SER B 458 -7.24 4.06 -18.13
CA SER B 458 -7.82 4.22 -16.77
C SER B 458 -6.77 4.25 -15.67
N LEU B 459 -5.73 3.47 -15.86
CA LEU B 459 -4.62 3.42 -14.91
C LEU B 459 -3.86 4.73 -14.99
N CYS B 460 -3.46 5.10 -16.20
CA CYS B 460 -2.84 6.39 -16.48
C CYS B 460 -3.60 7.56 -15.83
N GLN B 461 -4.93 7.49 -15.90
CA GLN B 461 -5.79 8.50 -15.28
C GLN B 461 -5.71 8.49 -13.77
N GLU B 462 -5.62 7.29 -13.19
CA GLU B 462 -5.47 7.15 -11.74
C GLU B 462 -4.11 7.69 -11.26
N LEU B 463 -3.03 7.35 -11.96
CA LEU B 463 -1.71 7.83 -11.57
C LEU B 463 -1.66 9.34 -11.72
N CYS B 464 -2.25 9.83 -12.79
CA CYS B 464 -2.31 11.28 -13.02
C CYS B 464 -3.05 12.00 -11.87
N SER B 465 -4.14 11.41 -11.40
CA SER B 465 -4.86 11.97 -10.24
C SER B 465 -4.01 12.00 -8.97
N GLU B 466 -3.37 10.88 -8.66
CA GLU B 466 -2.52 10.80 -7.50
C GLU B 466 -1.44 11.86 -7.56
N LEU B 467 -0.77 11.94 -8.70
CA LEU B 467 0.28 12.94 -8.88
C LEU B 467 -0.27 14.35 -8.68
N ALA B 468 -1.46 14.62 -9.24
CA ALA B 468 -2.12 15.90 -9.05
C ALA B 468 -2.31 16.21 -7.57
N GLN B 469 -2.84 15.24 -6.83
CA GLN B 469 -3.08 15.43 -5.39
C GLN B 469 -1.77 15.69 -4.64
N ASP B 470 -0.67 15.09 -5.09
CA ASP B 470 0.63 15.33 -4.47
C ASP B 470 1.10 16.77 -4.69
N LEU B 471 0.91 17.30 -5.90
CA LEU B 471 1.23 18.70 -6.20
C LEU B 471 0.36 19.68 -5.42
N GLN B 472 -0.91 19.31 -5.26
CA GLN B 472 -1.86 20.10 -4.47
C GLN B 472 -1.29 20.35 -3.06
N LYS B 473 -0.84 19.28 -2.42
CA LYS B 473 -0.20 19.33 -1.10
C LYS B 473 0.88 20.46 -0.99
N GLU B 474 1.80 20.50 -1.95
CA GLU B 474 2.90 21.47 -1.93
C GLU B 474 2.61 22.71 -2.79
N ARG B 475 1.42 22.77 -3.40
CA ARG B 475 1.00 23.92 -4.23
C ARG B 475 1.99 24.25 -5.33
N LEU B 476 2.33 23.23 -6.11
CA LEU B 476 3.27 23.34 -7.22
C LEU B 476 2.54 23.07 -8.51
N LYS B 477 3.10 23.60 -9.59
CA LYS B 477 2.55 23.40 -10.92
C LYS B 477 3.75 23.33 -11.86
N GLY B 478 3.60 22.61 -12.97
CA GLY B 478 4.71 22.38 -13.91
C GLY B 478 4.31 22.40 -15.37
N ARG B 479 5.31 22.26 -16.23
CA ARG B 479 5.13 22.37 -17.68
C ARG B 479 5.48 21.12 -18.48
N THR B 480 6.16 20.15 -17.86
CA THR B 480 6.63 18.99 -18.60
C THR B 480 6.12 17.71 -17.96
N VAL B 481 5.17 17.07 -18.65
CA VAL B 481 4.64 15.80 -18.22
C VAL B 481 5.42 14.69 -18.91
N THR B 482 5.72 13.65 -18.13
CA THR B 482 6.52 12.53 -18.59
C THR B 482 5.89 11.22 -18.14
N ILE B 483 5.47 10.37 -19.08
CA ILE B 483 5.05 9.01 -18.73
C ILE B 483 6.24 8.04 -18.74
N LYS B 484 6.07 6.93 -18.05
CA LYS B 484 7.06 5.86 -17.99
C LYS B 484 6.33 4.56 -18.16
N LEU B 485 6.76 3.74 -19.11
CA LEU B 485 6.13 2.43 -19.38
C LEU B 485 7.18 1.34 -19.34
N LYS B 486 6.93 0.30 -18.57
CA LYS B 486 7.81 -0.85 -18.54
C LYS B 486 7.01 -2.08 -18.96
N ASN B 487 7.49 -2.77 -20.01
CA ASN B 487 6.82 -3.98 -20.53
C ASN B 487 7.22 -5.24 -19.80
N VAL B 488 6.52 -6.34 -20.07
CA VAL B 488 6.71 -7.61 -19.34
C VAL B 488 8.10 -8.26 -19.45
N ASN B 489 8.90 -7.82 -20.41
CA ASN B 489 10.33 -8.20 -20.48
C ASN B 489 11.26 -7.16 -19.85
N PHE B 490 10.72 -6.26 -19.02
CA PHE B 490 11.49 -5.25 -18.25
C PHE B 490 12.16 -4.12 -19.03
N GLU B 491 11.73 -3.93 -20.28
CA GLU B 491 12.22 -2.83 -21.09
C GLU B 491 11.44 -1.59 -20.71
N VAL B 492 12.14 -0.50 -20.45
CA VAL B 492 11.55 0.72 -19.96
C VAL B 492 11.59 1.77 -21.05
N LYS B 493 10.44 2.39 -21.32
CA LYS B 493 10.38 3.60 -22.15
C LYS B 493 9.93 4.75 -21.28
N THR B 494 10.37 5.94 -21.65
CA THR B 494 9.82 7.18 -21.08
C THR B 494 9.38 8.00 -22.26
N ARG B 495 8.33 8.77 -22.10
CA ARG B 495 7.88 9.69 -23.14
C ARG B 495 7.47 10.97 -22.46
N ALA B 496 7.96 12.08 -22.98
CA ALA B 496 7.74 13.38 -22.37
C ALA B 496 6.99 14.27 -23.33
N SER B 497 6.39 15.33 -22.79
CA SER B 497 6.04 16.52 -23.58
C SER B 497 6.00 17.75 -22.67
N THR B 498 6.58 18.84 -23.18
CA THR B 498 6.59 20.13 -22.51
C THR B 498 5.53 21.03 -23.17
N VAL B 499 4.82 21.78 -22.35
CA VAL B 499 3.72 22.61 -22.80
C VAL B 499 4.04 24.06 -22.42
N SER B 500 3.49 24.99 -23.21
CA SER B 500 3.69 26.42 -22.98
C SER B 500 3.09 26.81 -21.64
N SER B 501 1.80 26.56 -21.48
CA SER B 501 1.09 26.86 -20.25
C SER B 501 1.49 25.91 -19.13
N VAL B 502 1.59 26.45 -17.91
CA VAL B 502 1.80 25.65 -16.72
C VAL B 502 0.54 24.82 -16.42
N VAL B 503 0.73 23.54 -16.06
CA VAL B 503 -0.39 22.61 -15.72
C VAL B 503 -0.25 22.04 -14.30
N SER B 504 -1.32 21.41 -13.80
CA SER B 504 -1.42 21.05 -12.37
C SER B 504 -2.57 20.12 -11.96
N THR B 505 -3.77 20.32 -12.54
CA THR B 505 -4.92 19.50 -12.16
C THR B 505 -4.80 18.09 -12.70
N ALA B 506 -5.58 17.20 -12.12
CA ALA B 506 -5.65 15.82 -12.56
C ALA B 506 -6.00 15.71 -14.05
N GLU B 507 -6.91 16.57 -14.53
CA GLU B 507 -7.39 16.53 -15.91
C GLU B 507 -6.31 16.97 -16.88
N GLU B 508 -5.65 18.09 -16.58
CA GLU B 508 -4.60 18.68 -17.43
C GLU B 508 -3.46 17.71 -17.61
N ILE B 509 -3.04 17.09 -16.51
CA ILE B 509 -1.99 16.09 -16.57
C ILE B 509 -2.48 14.94 -17.43
N PHE B 510 -3.63 14.35 -17.08
CA PHE B 510 -4.14 13.20 -17.85
C PHE B 510 -4.31 13.51 -19.33
N ALA B 511 -4.80 14.72 -19.63
CA ALA B 511 -4.93 15.20 -20.98
C ALA B 511 -3.62 14.96 -21.74
N ILE B 512 -2.52 15.45 -21.18
CA ILE B 512 -1.23 15.39 -21.84
C ILE B 512 -0.73 13.95 -21.89
N ALA B 513 -0.82 13.25 -20.77
CA ALA B 513 -0.36 11.87 -20.65
C ALA B 513 -1.13 10.92 -21.56
N LYS B 514 -2.46 11.09 -21.64
CA LYS B 514 -3.32 10.28 -22.54
C LYS B 514 -2.75 10.21 -23.95
N GLU B 515 -2.42 11.37 -24.50
CA GLU B 515 -1.90 11.49 -25.87
C GLU B 515 -0.55 10.83 -26.05
N LEU B 516 0.32 10.99 -25.05
CA LEU B 516 1.60 10.30 -25.03
C LEU B 516 1.44 8.78 -25.01
N LEU B 517 0.55 8.32 -24.14
CA LEU B 517 0.23 6.91 -24.05
C LEU B 517 -0.37 6.40 -25.36
N LYS B 518 -1.26 7.20 -25.98
CA LYS B 518 -1.88 6.85 -27.26
C LYS B 518 -0.84 6.60 -28.35
N THR B 519 0.07 7.56 -28.48
CA THR B 519 1.17 7.49 -29.45
C THR B 519 1.90 6.17 -29.35
N GLU B 520 2.09 5.69 -28.13
CA GLU B 520 2.74 4.39 -27.90
C GLU B 520 1.90 3.17 -28.26
N ILE B 521 0.60 3.20 -27.93
CA ILE B 521 -0.27 2.07 -28.27
C ILE B 521 -0.44 1.95 -29.78
N ASP B 522 -0.61 3.11 -30.42
CA ASP B 522 -0.71 3.20 -31.88
C ASP B 522 0.57 2.71 -32.56
N ALA B 523 1.72 2.99 -31.95
CA ALA B 523 3.01 2.60 -32.52
C ALA B 523 3.17 1.09 -32.75
N ASP B 524 2.75 0.28 -31.78
CA ASP B 524 2.80 -1.19 -31.90
C ASP B 524 1.63 -1.83 -32.66
N PHE B 525 0.49 -1.10 -32.76
CA PHE B 525 -0.75 -1.53 -33.50
C PHE B 525 -0.39 -2.43 -34.69
N PRO B 526 -0.90 -3.67 -34.78
CA PRO B 526 -1.99 -4.22 -33.98
C PRO B 526 -1.66 -4.83 -32.64
N HIS B 527 -0.39 -4.86 -32.28
CA HIS B 527 0.01 -5.52 -31.05
C HIS B 527 -0.35 -4.66 -29.84
N PRO B 528 -0.84 -5.29 -28.77
CA PRO B 528 -1.08 -4.57 -27.54
C PRO B 528 0.24 -4.38 -26.80
N LEU B 529 0.33 -3.30 -26.04
CA LEU B 529 1.45 -3.12 -25.15
C LEU B 529 1.21 -4.05 -23.99
N ARG B 530 2.20 -4.85 -23.63
CA ARG B 530 2.10 -5.73 -22.46
C ARG B 530 2.89 -5.10 -21.31
N LEU B 531 2.22 -4.30 -20.50
CA LEU B 531 2.90 -3.53 -19.47
C LEU B 531 2.84 -4.26 -18.15
N ARG B 532 3.92 -4.14 -17.39
CA ARG B 532 3.94 -4.49 -15.96
C ARG B 532 4.11 -3.27 -15.04
N LEU B 533 4.41 -2.10 -15.59
CA LEU B 533 4.55 -0.91 -14.78
C LEU B 533 4.32 0.32 -15.60
N MET B 534 3.60 1.29 -15.05
CA MET B 534 3.41 2.61 -15.66
C MET B 534 3.78 3.68 -14.62
N GLY B 535 4.14 4.85 -15.10
CA GLY B 535 4.40 5.98 -14.21
C GLY B 535 4.09 7.31 -14.86
N VAL B 536 3.93 8.34 -14.05
CA VAL B 536 3.74 9.69 -14.53
C VAL B 536 4.54 10.65 -13.65
N ARG B 537 5.43 11.41 -14.28
CA ARG B 537 6.18 12.47 -13.62
C ARG B 537 5.75 13.84 -14.18
N ILE B 538 5.77 14.84 -13.32
CA ILE B 538 5.73 16.23 -13.76
C ILE B 538 7.04 16.95 -13.38
N SER B 539 7.42 17.93 -14.20
CA SER B 539 8.67 18.68 -14.02
C SER B 539 8.60 20.08 -14.70
N SER B 540 9.73 20.80 -14.67
CA SER B 540 9.85 22.15 -15.23
C SER B 540 9.01 23.16 -14.47
N PHE B 541 9.27 23.23 -13.17
CA PHE B 541 8.59 24.17 -12.28
C PHE B 541 9.19 25.58 -12.52
N PRO B 542 8.58 26.63 -11.93
CA PRO B 542 9.19 27.98 -12.08
C PRO B 542 10.40 28.17 -11.12
N ASN B 543 10.14 28.48 -9.84
CA ASN B 543 11.15 28.90 -8.86
C ASN B 543 11.74 30.28 -9.14
O19 LDG D 4 -11.53 -1.21 -0.23
C19 LDG D 4 -10.48 -0.78 0.24
C18 LDG D 4 -9.50 -1.68 0.82
C17 LDG D 4 -9.77 -3.12 0.83
O17 LDG D 4 -10.94 -3.60 0.33
C16 LDG D 4 -8.74 -3.96 1.45
C9 LDG D 4 -7.53 -3.32 1.97
C81 LDG D 4 -7.33 -1.97 1.92
C7 LDG D 4 -8.26 -1.15 1.38
C61 LDG D 4 -7.99 0.28 1.37
O61 LDG D 4 -6.94 0.71 1.83
C20 LDG D 4 -10.20 0.67 0.24
C1 LDG D 4 -11.12 1.54 -0.29
C51 LDG D 4 -8.97 1.18 0.80
C41 LDG D 4 -8.72 2.53 0.77
C3 LDG D 4 -9.67 3.36 0.24
C71 LDG D 4 -10.84 2.88 -0.30
O1 LDG D 4 -6.60 -4.14 2.49
C14 LDG D 4 -5.61 -3.69 3.38
C15 LDG D 4 -11.05 -3.74 -1.05
C2R LDG D 4 -8.80 -5.46 1.54
P LDG D 4 -6.76 -7.80 10.98
OP1 LDG D 4 -5.74 -7.10 11.70
O5' LDG D 4 -6.66 -7.39 9.47
C5' LDG D 4 -5.41 -6.87 9.02
C4' LDG D 4 -5.59 -5.98 7.83
C3' LDG D 4 -6.13 -4.59 8.14
O3' LDG D 4 -5.30 -3.58 7.57
C2' LDG D 4 -7.49 -4.56 7.46
C1' LDG D 4 -7.52 -5.73 6.53
O4' LDG D 4 -6.58 -6.64 7.04
N9 LDG D 4 -8.80 -6.38 6.48
C4 LDG D 4 -9.58 -6.53 5.38
C5 LDG D 4 -10.70 -7.14 5.82
N7 LDG D 4 -10.64 -7.34 7.18
C8 LDG D 4 -9.49 -6.87 7.55
N3 LDG D 4 -9.24 -6.17 4.13
C2 LDG D 4 -10.17 -6.46 3.24
N2 LDG D 4 -9.97 -6.13 1.94
N1 LDG D 4 -11.36 -7.06 3.61
C6 LDG D 4 -11.73 -7.45 4.90
O6 LDG D 4 -12.84 -7.99 5.13
OP2 LDG D 4 -8.07 -7.75 11.53
O19 LDG F 4 10.29 5.56 -0.35
C19 LDG F 4 9.20 5.13 -0.78
C18 LDG F 4 8.95 3.67 -1.04
C17 LDG F 4 9.98 2.61 -0.76
O17 LDG F 4 11.24 2.89 -0.29
C16 LDG F 4 9.64 1.20 -1.04
C9 LDG F 4 8.29 0.85 -1.58
C81 LDG F 4 7.36 1.87 -1.81
C7 LDG F 4 7.63 3.22 -1.57
C61 LDG F 4 6.55 4.23 -1.86
O61 LDG F 4 5.44 3.86 -2.31
C20 LDG F 4 8.13 6.14 -1.06
C1 LDG F 4 8.35 7.51 -0.84
C51 LDG F 4 6.80 5.69 -1.60
C41 LDG F 4 5.82 6.67 -1.86
C3 LDG F 4 6.09 8.02 -1.61
C71 LDG F 4 7.33 8.45 -1.11
O1 LDG F 4 7.98 -0.49 -1.81
C14 LDG F 4 7.24 -0.87 -2.98
C15 LDG F 4 11.41 3.20 1.09
C2R LDG F 4 10.64 0.09 -0.77
P LDG F 4 10.62 -4.81 -9.47
OP1 LDG F 4 9.55 -5.04 -10.44
O5' LDG F 4 10.13 -4.28 -8.05
C5' LDG F 4 8.79 -4.54 -7.57
C4' LDG F 4 8.45 -3.48 -6.56
C3' LDG F 4 8.18 -2.10 -7.19
O3' LDG F 4 6.87 -1.64 -6.83
C2' LDG F 4 9.26 -1.19 -6.64
C1' LDG F 4 9.94 -1.95 -5.52
O4' LDG F 4 9.58 -3.32 -5.67
N9 LDG F 4 11.37 -1.72 -5.50
C4 LDG F 4 12.04 -1.11 -4.47
C5 LDG F 4 13.35 -1.03 -4.90
N7 LDG F 4 13.48 -1.54 -6.17
C8 LDG F 4 12.27 -1.94 -6.51
N3 LDG F 4 11.50 -0.73 -3.29
C2 LDG F 4 12.40 -0.21 -2.47
N2 LDG F 4 12.01 0.22 -1.25
N1 LDG F 4 13.75 -0.08 -2.81
C6 LDG F 4 14.32 -0.47 -4.03
O6 LDG F 4 15.54 -0.31 -4.25
OP2 LDG F 4 11.83 -4.10 -9.87
MG MG G . -18.22 -11.17 -6.62
C1 GOL H . -17.98 -19.00 -21.53
O1 GOL H . -16.91 -19.89 -21.14
C2 GOL H . -19.16 -19.78 -22.13
O2 GOL H . -20.36 -19.42 -21.43
C3 GOL H . -19.28 -19.46 -23.63
O3 GOL H . -20.41 -20.11 -24.24
PG 0KX I . -18.04 -14.22 -5.95
O1G 0KX I . -18.74 -14.24 -4.62
O2G 0KX I . -18.00 -15.60 -6.54
O3G 0KX I . -18.75 -13.27 -6.89
PB 0KX I . -16.03 -12.38 -5.19
O1B 0KX I . -14.61 -12.55 -4.70
O2B 0KX I . -16.09 -11.38 -6.26
O3B 0KX I . -16.56 -13.74 -5.74
PA 0KX I . -17.75 -10.50 -3.67
O1A 0KX I . -18.64 -10.12 -4.78
O2A 0KX I . -18.57 -10.64 -2.41
N3A 0KX I . -17.01 -11.93 -3.98
O5' 0KX I . -16.61 -9.39 -3.42
C5' 0KX I . -16.11 -8.53 -4.45
C4' 0KX I . -14.62 -8.26 -4.20
O4' 0KX I . -14.44 -7.50 -3.00
C3' 0KX I . -13.82 -9.53 -3.98
O3' 0KX I . -13.27 -10.01 -5.22
C2' 0KX I . -12.70 -9.12 -3.01
C1' 0KX I . -13.21 -7.88 -2.33
N1 0KX I . -13.51 -8.18 -0.91
C2 0KX I . -12.64 -7.74 0.13
N3 0KX I . -12.95 -8.01 1.44
C4 0KX I . -14.06 -8.73 1.75
C5 0KX I . -14.91 -9.16 0.76
C6 0KX I . -14.63 -8.88 -0.58
O2 0KX I . -11.60 -7.08 -0.14
N4 0KX I . -14.36 -9.01 3.05
C1 PGE J . -6.96 2.20 -2.59
O1 PGE J . -5.55 1.96 -2.61
C2 PGE J . -7.68 0.86 -2.69
O2 PGE J . -8.96 1.00 -3.33
C3 PGE J . -9.61 -0.25 -3.59
C4 PGE J . -11.11 -0.08 -3.77
O4 PGE J . -13.33 3.93 -5.08
C6 PGE J . -12.16 3.44 -4.43
C5 PGE J . -12.36 1.99 -3.96
O3 PGE J . -11.35 1.12 -4.50
MG MG K . 20.86 2.37 7.67
C1 GOL L . -7.32 9.44 -25.81
O1 GOL L . -7.31 8.67 -27.02
C2 GOL L . -7.98 8.63 -24.69
O2 GOL L . -7.83 9.34 -23.44
C3 GOL L . -9.47 8.37 -25.02
O3 GOL L . -10.25 8.06 -23.86
C1 GOL M . 25.72 15.77 -0.97
O1 GOL M . 26.87 14.93 -1.16
C2 GOL M . 25.95 16.74 0.20
O2 GOL M . 25.49 16.09 1.40
C3 GOL M . 25.24 18.07 -0.01
O3 GOL M . 25.85 19.14 0.73
PG 0KX N . 22.47 -0.35 7.62
O1G 0KX N . 23.36 -0.07 6.43
O2G 0KX N . 23.05 -1.42 8.49
O3G 0KX N . 22.31 0.92 8.42
PB 0KX N . 19.78 -0.22 6.48
O1B 0KX N . 19.34 0.85 7.37
O2B 0KX N . 18.69 -1.26 6.36
O3B 0KX N . 21.05 -0.90 7.10
PA 0KX N . 20.26 2.01 4.54
O1A 0KX N . 21.13 2.09 3.30
O2A 0KX N . 20.85 2.87 5.57
N3A 0KX N . 20.14 0.44 5.03
O5' 0KX N . 18.80 2.56 4.14
C5' 0KX N . 17.82 2.98 5.10
C4' 0KX N . 16.48 2.28 4.83
O4' 0KX N . 15.97 2.65 3.52
C3' 0KX N . 16.59 0.76 4.76
O3' 0KX N . 16.52 0.16 6.07
C2' 0KX N . 15.38 0.37 3.92
C1' 0KX N . 15.23 1.55 2.95
N1 0KX N . 15.79 1.17 1.63
C2 0KX N . 14.95 0.69 0.60
N3 0KX N . 15.47 0.34 -0.61
C4 0KX N . 16.80 0.42 -0.82
C5 0KX N . 17.65 0.88 0.18
C6 0KX N . 17.11 1.25 1.41
O2 0KX N . 13.72 0.59 0.77
N4 0KX N . 17.33 0.06 -2.01
C1 PGE O . 8.81 9.53 3.09
O1 PGE O . 7.77 10.20 3.82
C2 PGE O . 9.05 8.16 3.70
O2 PGE O . 9.11 7.16 2.68
C3 PGE O . 8.23 6.04 2.86
C4 PGE O . 6.81 6.45 2.47
O4 PGE O . 3.24 7.35 2.02
C6 PGE O . 3.93 6.32 1.32
C5 PGE O . 4.65 5.37 2.28
O3 PGE O . 6.06 5.32 2.00
C1 GOL P . 14.54 7.38 -2.70
O1 GOL P . 13.36 7.44 -1.88
C2 GOL P . 15.85 7.33 -1.88
O2 GOL P . 16.95 7.02 -2.75
C3 GOL P . 16.15 8.64 -1.14
O3 GOL P . 17.37 8.56 -0.40
#